data_4BRQ
#
_entry.id   4BRQ
#
_cell.length_a   62.737
_cell.length_b   85.497
_cell.length_c   70.336
_cell.angle_alpha   90.00
_cell.angle_beta   106.20
_cell.angle_gamma   90.00
#
_symmetry.space_group_name_H-M   'P 1 21 1'
#
loop_
_entity.id
_entity.type
_entity.pdbx_description
1 polymer 'ECTONUCLEOSIDE TRIPHOSPHATE DIPHOSPHOHYDROLASE I'
2 non-polymer 'ADENOSINE MONOPHOSPHATE'
3 non-polymer '2-(N-MORPHOLINO)-ETHANESULFONIC ACID'
4 non-polymer 'PHOSPHATE ION'
5 non-polymer 'CHLORIDE ION'
6 non-polymer 'MAGNESIUM ION'
7 water water
#
_entity_poly.entity_id   1
_entity_poly.type   'polypeptide(L)'
_entity_poly.pdbx_seq_one_letter_code
;MDTNPCEKHSCIAVIDAGSTGSRLHIYSYDTDDTNTPIHIEEIWNKKIKPGFASIQPNSVTIDAYLTMLLADAPIHNIPV
YFYATAGMRLLPQSQQKKYYDELDYWFRQQSQWQLVEAKTITGNDEALFDWLAVNYKLDTLKSVQNKSVGVMDMGGASVQ
IVFPMPKNAEISKHNQVELNIYGQNINLYVHSFLGLGQTEMSHQFLNSPSCFANDYPLPDGESGQGNAPSCKEEVTSLMN
SVHKVNQQIQPLLALNPVNEWYSIGGISNLASSQLFHFENSELTNQSLLQQGDNQICHQQWDILNGQYPDDEYLYQYCLL
SSYYYALMVDGYGINPNQTIHYIPPEQNLDWTIGVVLHRALEHHHHHH
;
_entity_poly.pdbx_strand_id   A,B
#
# COMPACT_ATOMS: atom_id res chain seq x y z
N ASN A 4 -11.84 -37.60 -18.36
CA ASN A 4 -10.92 -36.43 -18.59
C ASN A 4 -11.27 -35.67 -19.88
N PRO A 5 -11.77 -34.42 -19.73
CA PRO A 5 -12.15 -33.54 -20.87
C PRO A 5 -10.97 -33.22 -21.78
N CYS A 6 -9.78 -33.26 -21.22
CA CYS A 6 -8.57 -32.80 -21.88
C CYS A 6 -7.99 -33.79 -22.86
N GLU A 7 -8.59 -35.00 -22.88
CA GLU A 7 -8.24 -36.03 -23.87
C GLU A 7 -8.95 -35.76 -25.18
N LYS A 8 -10.07 -35.04 -25.10
CA LYS A 8 -10.82 -34.77 -26.33
C LYS A 8 -11.03 -33.29 -26.69
N HIS A 9 -10.48 -32.39 -25.87
CA HIS A 9 -10.63 -30.92 -26.02
C HIS A 9 -9.32 -30.33 -25.63
N SER A 10 -8.98 -29.16 -26.20
CA SER A 10 -7.81 -28.41 -25.76
C SER A 10 -7.99 -27.89 -24.34
N CYS A 11 -6.93 -28.05 -23.54
CA CYS A 11 -6.94 -27.53 -22.14
C CYS A 11 -5.70 -26.70 -21.87
N ILE A 12 -5.87 -25.55 -21.22
CA ILE A 12 -4.68 -24.85 -20.69
C ILE A 12 -5.08 -24.43 -19.27
N ALA A 13 -4.05 -24.23 -18.45
CA ALA A 13 -4.23 -23.62 -17.09
C ALA A 13 -3.76 -22.16 -17.17
N VAL A 14 -4.59 -21.29 -16.61
CA VAL A 14 -4.19 -19.88 -16.51
C VAL A 14 -4.35 -19.48 -15.05
N ILE A 15 -3.28 -18.87 -14.52
CA ILE A 15 -3.32 -18.38 -13.13
C ILE A 15 -3.39 -16.84 -13.14
N ASP A 16 -4.43 -16.32 -12.54
CA ASP A 16 -4.59 -14.86 -12.22
C ASP A 16 -3.85 -14.66 -10.90
N ALA A 17 -2.63 -14.16 -10.99
CA ALA A 17 -1.85 -13.86 -9.73
C ALA A 17 -2.17 -12.38 -9.38
N GLY A 18 -3.30 -12.20 -8.69
CA GLY A 18 -3.83 -10.87 -8.34
C GLY A 18 -3.20 -10.35 -7.06
N SER A 19 -3.53 -9.12 -6.76
CA SER A 19 -2.87 -8.52 -5.61
C SER A 19 -3.33 -9.13 -4.27
N THR A 20 -4.55 -9.67 -4.18
CA THR A 20 -5.07 -10.21 -2.94
C THR A 20 -5.00 -11.76 -2.86
N GLY A 21 -4.73 -12.41 -4.00
CA GLY A 21 -4.74 -13.88 -4.03
C GLY A 21 -4.47 -14.33 -5.43
N SER A 22 -4.23 -15.64 -5.56
CA SER A 22 -4.11 -16.22 -6.89
C SER A 22 -5.24 -17.21 -7.23
N ARG A 23 -5.66 -17.19 -8.49
CA ARG A 23 -6.75 -18.12 -8.94
C ARG A 23 -6.25 -18.95 -10.09
N LEU A 24 -6.22 -20.24 -9.84
CA LEU A 24 -5.91 -21.21 -10.88
C LEU A 24 -7.19 -21.59 -11.56
N HIS A 25 -7.15 -21.51 -12.88
CA HIS A 25 -8.26 -22.08 -13.68
C HIS A 25 -7.69 -23.03 -14.69
N ILE A 26 -8.33 -24.19 -14.76
CA ILE A 26 -8.12 -25.05 -15.96
C ILE A 26 -9.35 -24.89 -16.89
N TYR A 27 -9.11 -24.49 -18.14
CA TYR A 27 -10.17 -24.32 -19.12
C TYR A 27 -10.03 -25.39 -20.17
N SER A 28 -11.17 -26.00 -20.52
CA SER A 28 -11.26 -26.80 -21.79
C SER A 28 -11.94 -25.93 -22.82
N TYR A 29 -11.66 -26.21 -24.08
CA TYR A 29 -12.30 -25.48 -25.15
C TYR A 29 -12.10 -26.31 -26.45
N ASP A 30 -12.89 -25.94 -27.44
CA ASP A 30 -12.73 -26.40 -28.82
C ASP A 30 -12.32 -25.19 -29.62
N THR A 31 -12.02 -25.36 -30.89
CA THR A 31 -11.72 -24.22 -31.75
C THR A 31 -12.59 -24.17 -32.98
N ASP A 32 -12.79 -22.98 -33.51
CA ASP A 32 -13.49 -22.84 -34.80
C ASP A 32 -12.51 -22.97 -35.97
N ASP A 33 -12.99 -22.70 -37.19
CA ASP A 33 -12.18 -22.89 -38.41
C ASP A 33 -10.95 -22.04 -38.55
N THR A 34 -10.78 -21.07 -37.66
CA THR A 34 -9.59 -20.25 -37.64
C THR A 34 -8.75 -20.54 -36.40
N ASN A 35 -9.08 -21.63 -35.69
CA ASN A 35 -8.34 -22.06 -34.49
C ASN A 35 -8.57 -21.10 -33.31
N THR A 36 -9.67 -20.36 -33.34
CA THR A 36 -10.04 -19.47 -32.25
C THR A 36 -10.91 -20.24 -31.27
N PRO A 37 -10.60 -20.21 -29.95
CA PRO A 37 -11.43 -20.97 -28.98
C PRO A 37 -12.93 -20.67 -29.00
N ILE A 38 -13.74 -21.71 -28.78
CA ILE A 38 -15.19 -21.65 -28.58
C ILE A 38 -15.49 -22.69 -27.50
N HIS A 39 -16.69 -22.65 -26.90
CA HIS A 39 -17.12 -23.64 -25.89
C HIS A 39 -16.14 -23.68 -24.71
N ILE A 40 -15.64 -22.52 -24.31
CA ILE A 40 -14.70 -22.45 -23.19
C ILE A 40 -15.46 -22.77 -21.88
N GLU A 41 -14.94 -23.73 -21.14
CA GLU A 41 -15.54 -24.22 -19.87
C GLU A 41 -14.43 -24.29 -18.83
N GLU A 42 -14.70 -23.82 -17.63
CA GLU A 42 -13.78 -24.00 -16.54
C GLU A 42 -14.02 -25.37 -15.95
N ILE A 43 -12.99 -26.24 -15.94
CA ILE A 43 -13.17 -27.59 -15.39
C ILE A 43 -12.50 -27.77 -14.02
N TRP A 44 -11.68 -26.77 -13.63
CA TRP A 44 -11.07 -26.73 -12.29
C TRP A 44 -10.78 -25.31 -11.88
N ASN A 45 -10.94 -25.03 -10.58
CA ASN A 45 -10.65 -23.71 -10.03
C ASN A 45 -10.08 -23.98 -8.65
N LYS A 46 -9.03 -23.24 -8.31
CA LYS A 46 -8.54 -23.18 -6.97
C LYS A 46 -8.05 -21.76 -6.71
N LYS A 47 -8.44 -21.27 -5.56
CA LYS A 47 -8.02 -19.90 -5.13
C LYS A 47 -7.27 -20.03 -3.85
N ILE A 48 -6.25 -19.17 -3.72
CA ILE A 48 -5.48 -19.10 -2.46
C ILE A 48 -5.18 -17.62 -2.17
N LYS A 49 -4.96 -17.32 -0.88
CA LYS A 49 -4.54 -15.99 -0.44
C LYS A 49 -3.23 -16.23 0.29
N PRO A 50 -2.43 -15.17 0.48
CA PRO A 50 -2.63 -13.82 -0.01
C PRO A 50 -2.10 -13.68 -1.41
N GLY A 51 -1.81 -12.44 -1.86
CA GLY A 51 -1.28 -12.27 -3.22
C GLY A 51 0.18 -12.74 -3.29
N PHE A 52 0.57 -13.31 -4.44
CA PHE A 52 1.92 -13.82 -4.62
C PHE A 52 2.97 -12.71 -4.36
N ALA A 53 2.71 -11.48 -4.81
CA ALA A 53 3.71 -10.40 -4.68
C ALA A 53 3.71 -9.84 -3.24
N SER A 54 3.00 -10.46 -2.29
CA SER A 54 3.00 -10.04 -0.89
CA SER A 54 3.03 -10.02 -0.88
C SER A 54 3.87 -10.92 -0.02
N ILE A 55 4.16 -12.11 -0.50
CA ILE A 55 4.85 -13.13 0.35
C ILE A 55 6.37 -12.97 0.22
N GLN A 56 7.08 -13.50 1.19
CA GLN A 56 8.55 -13.45 1.13
C GLN A 56 9.07 -14.26 -0.07
N PRO A 57 9.89 -13.62 -0.92
CA PRO A 57 10.35 -14.26 -2.15
C PRO A 57 11.55 -15.20 -1.92
N ASN A 58 11.36 -16.18 -1.03
CA ASN A 58 12.38 -17.13 -0.74
C ASN A 58 11.88 -18.50 -1.14
N SER A 59 12.80 -19.43 -1.30
CA SER A 59 12.48 -20.76 -1.78
C SER A 59 11.36 -21.44 -0.95
N VAL A 60 11.51 -21.45 0.37
CA VAL A 60 10.56 -22.16 1.24
CA VAL A 60 10.55 -22.16 1.23
C VAL A 60 9.13 -21.62 1.11
N THR A 61 8.99 -20.30 1.11
CA THR A 61 7.72 -19.63 1.04
C THR A 61 7.07 -19.79 -0.33
N ILE A 62 7.84 -19.61 -1.40
CA ILE A 62 7.28 -19.71 -2.76
C ILE A 62 6.89 -21.19 -3.05
N ASP A 63 7.69 -22.16 -2.56
CA ASP A 63 7.38 -23.51 -2.90
CA ASP A 63 7.42 -23.66 -2.74
C ASP A 63 6.07 -23.95 -2.15
N ALA A 64 5.87 -23.49 -0.91
CA ALA A 64 4.67 -23.79 -0.11
C ALA A 64 3.41 -23.17 -0.81
N TYR A 65 3.56 -21.97 -1.33
CA TYR A 65 2.48 -21.23 -1.99
C TYR A 65 2.12 -21.92 -3.30
N LEU A 66 3.12 -22.20 -4.16
CA LEU A 66 2.84 -22.92 -5.43
C LEU A 66 2.22 -24.32 -5.20
N THR A 67 2.76 -25.07 -4.24
CA THR A 67 2.25 -26.38 -3.90
C THR A 67 0.80 -26.30 -3.51
N MET A 68 0.48 -25.34 -2.65
CA MET A 68 -0.90 -25.17 -2.20
CA MET A 68 -0.90 -25.13 -2.20
C MET A 68 -1.84 -24.83 -3.38
N LEU A 69 -1.41 -23.95 -4.30
CA LEU A 69 -2.22 -23.57 -5.42
C LEU A 69 -2.46 -24.69 -6.43
N LEU A 70 -1.42 -25.50 -6.63
CA LEU A 70 -1.36 -26.40 -7.83
C LEU A 70 -1.36 -27.84 -7.55
N ALA A 71 -0.80 -28.26 -6.44
CA ALA A 71 -0.55 -29.72 -6.33
C ALA A 71 -1.79 -30.61 -6.47
N ASP A 72 -2.95 -30.21 -5.90
CA ASP A 72 -4.16 -31.11 -5.97
C ASP A 72 -5.02 -30.93 -7.26
N ALA A 73 -4.55 -30.11 -8.21
CA ALA A 73 -5.24 -30.03 -9.53
C ALA A 73 -5.37 -31.42 -10.13
N PRO A 74 -6.53 -31.69 -10.71
CA PRO A 74 -6.81 -33.06 -11.12
C PRO A 74 -6.33 -33.41 -12.58
N ILE A 75 -5.61 -32.48 -13.23
CA ILE A 75 -4.98 -32.70 -14.55
C ILE A 75 -3.74 -31.80 -14.51
N HIS A 76 -2.53 -32.32 -14.76
CA HIS A 76 -1.30 -31.50 -14.65
C HIS A 76 -0.54 -31.51 -15.98
N ASN A 77 -0.67 -32.55 -16.82
CA ASN A 77 0.17 -32.54 -18.03
C ASN A 77 -0.42 -31.56 -19.07
N ILE A 78 -0.51 -30.30 -18.69
CA ILE A 78 -1.14 -29.28 -19.54
C ILE A 78 -0.34 -28.02 -19.40
N PRO A 79 -0.44 -27.12 -20.39
CA PRO A 79 0.37 -25.91 -20.49
C PRO A 79 -0.17 -24.96 -19.40
N VAL A 80 0.78 -24.30 -18.72
CA VAL A 80 0.43 -23.31 -17.67
C VAL A 80 0.90 -21.92 -18.04
N TYR A 81 -0.01 -20.95 -17.84
CA TYR A 81 0.30 -19.50 -18.05
C TYR A 81 0.05 -18.86 -16.72
N PHE A 82 1.14 -18.33 -16.17
CA PHE A 82 1.06 -17.65 -14.85
C PHE A 82 1.27 -16.13 -15.02
N TYR A 83 0.17 -15.36 -14.89
CA TYR A 83 0.22 -13.94 -15.22
C TYR A 83 -0.09 -13.16 -13.99
N ALA A 84 0.90 -12.37 -13.55
CA ALA A 84 0.67 -11.48 -12.38
C ALA A 84 0.24 -10.07 -12.81
N THR A 85 -0.47 -9.42 -11.91
CA THR A 85 -1.08 -8.12 -12.20
C THR A 85 -0.58 -7.04 -11.27
N ALA A 86 -1.46 -6.13 -10.81
CA ALA A 86 -0.99 -4.91 -10.16
C ALA A 86 -0.17 -5.15 -8.90
N GLY A 87 -0.43 -6.19 -8.11
CA GLY A 87 0.44 -6.43 -6.95
C GLY A 87 1.91 -6.52 -7.31
N MET A 88 2.21 -7.25 -8.38
CA MET A 88 3.55 -7.42 -8.85
C MET A 88 4.09 -6.11 -9.49
N ARG A 89 3.20 -5.34 -10.13
CA ARG A 89 3.62 -4.07 -10.77
CA ARG A 89 3.56 -4.03 -10.75
C ARG A 89 4.02 -3.00 -9.74
N LEU A 90 3.63 -3.19 -8.48
CA LEU A 90 4.14 -2.26 -7.42
C LEU A 90 5.60 -2.47 -7.13
N LEU A 91 6.22 -3.53 -7.60
CA LEU A 91 7.63 -3.85 -7.25
C LEU A 91 8.52 -3.59 -8.46
N PRO A 92 9.75 -3.14 -8.25
CA PRO A 92 10.69 -2.93 -9.36
C PRO A 92 11.05 -4.26 -10.01
N GLN A 93 11.49 -4.23 -11.29
CA GLN A 93 11.82 -5.50 -11.98
C GLN A 93 12.81 -6.36 -11.22
N SER A 94 13.78 -5.77 -10.49
CA SER A 94 14.77 -6.62 -9.78
C SER A 94 14.16 -7.46 -8.66
N GLN A 95 13.08 -6.96 -8.04
CA GLN A 95 12.39 -7.72 -6.99
CA GLN A 95 12.39 -7.71 -7.01
C GLN A 95 11.44 -8.75 -7.63
N GLN A 96 10.80 -8.34 -8.73
CA GLN A 96 9.92 -9.28 -9.45
C GLN A 96 10.77 -10.47 -9.93
N LYS A 97 12.00 -10.27 -10.39
CA LYS A 97 12.85 -11.36 -10.86
C LYS A 97 13.08 -12.41 -9.76
N LYS A 98 13.16 -12.04 -8.48
CA LYS A 98 13.41 -13.04 -7.43
C LYS A 98 12.22 -13.98 -7.43
N TYR A 99 11.02 -13.43 -7.54
CA TYR A 99 9.83 -14.29 -7.59
C TYR A 99 9.80 -15.23 -8.80
N TYR A 100 10.05 -14.71 -10.01
CA TYR A 100 9.96 -15.55 -11.24
C TYR A 100 11.12 -16.54 -11.26
N ASP A 101 12.31 -16.20 -10.74
CA ASP A 101 13.42 -17.17 -10.75
C ASP A 101 13.05 -18.38 -9.87
N GLU A 102 12.47 -18.12 -8.67
CA GLU A 102 12.08 -19.19 -7.77
C GLU A 102 10.91 -19.98 -8.38
N LEU A 103 9.94 -19.26 -8.95
CA LEU A 103 8.82 -19.93 -9.57
C LEU A 103 9.27 -20.83 -10.73
N ASP A 104 10.17 -20.32 -11.58
CA ASP A 104 10.70 -21.13 -12.68
C ASP A 104 11.39 -22.38 -12.13
N TYR A 105 12.24 -22.20 -11.09
CA TYR A 105 12.91 -23.35 -10.48
C TYR A 105 11.87 -24.38 -9.96
N TRP A 106 10.81 -23.91 -9.30
CA TRP A 106 9.82 -24.82 -8.72
C TRP A 106 9.18 -25.66 -9.81
N PHE A 107 8.81 -25.02 -10.96
CA PHE A 107 8.21 -25.77 -12.11
C PHE A 107 9.19 -26.79 -12.69
N ARG A 108 10.48 -26.43 -12.75
CA ARG A 108 11.50 -27.36 -13.26
C ARG A 108 11.80 -28.56 -12.35
N GLN A 109 11.31 -28.55 -11.10
CA GLN A 109 11.51 -29.67 -10.18
C GLN A 109 10.39 -30.67 -10.24
N GLN A 110 9.44 -30.43 -11.16
CA GLN A 110 8.36 -31.36 -11.51
C GLN A 110 8.31 -31.58 -13.09
N SER A 111 7.63 -32.62 -13.58
CA SER A 111 7.79 -33.03 -15.01
C SER A 111 6.51 -32.98 -15.85
N GLN A 112 5.47 -32.49 -15.16
CA GLN A 112 4.09 -32.59 -15.58
C GLN A 112 3.56 -31.30 -16.17
N TRP A 113 3.31 -30.27 -15.34
CA TRP A 113 2.95 -28.94 -15.82
C TRP A 113 3.96 -28.54 -16.87
N GLN A 114 3.49 -28.10 -18.02
CA GLN A 114 4.40 -27.51 -19.00
C GLN A 114 4.23 -26.01 -18.75
N LEU A 115 5.14 -25.40 -17.96
CA LEU A 115 5.07 -23.97 -17.75
C LEU A 115 5.39 -23.34 -19.11
N VAL A 116 4.47 -22.53 -19.63
CA VAL A 116 4.71 -21.85 -20.89
C VAL A 116 5.23 -20.42 -20.68
N GLU A 117 4.53 -19.68 -19.79
CA GLU A 117 4.94 -18.30 -19.49
C GLU A 117 4.66 -18.04 -18.04
N ALA A 118 5.55 -17.27 -17.41
CA ALA A 118 5.25 -16.68 -16.07
C ALA A 118 5.83 -15.32 -16.09
N LYS A 119 4.94 -14.34 -16.09
CA LYS A 119 5.39 -12.94 -16.18
C LYS A 119 4.35 -11.98 -15.69
N THR A 120 4.76 -10.71 -15.52
CA THR A 120 3.86 -9.68 -15.12
C THR A 120 3.27 -9.03 -16.37
N ILE A 121 1.94 -8.93 -16.43
CA ILE A 121 1.32 -8.31 -17.58
C ILE A 121 1.07 -6.82 -17.25
N THR A 122 1.00 -5.95 -18.26
CA THR A 122 0.71 -4.52 -17.94
C THR A 122 -0.77 -4.35 -17.62
N GLY A 123 -1.13 -3.20 -16.99
CA GLY A 123 -2.53 -2.92 -16.73
C GLY A 123 -3.32 -2.80 -18.03
N ASN A 124 -2.65 -2.38 -19.11
CA ASN A 124 -3.33 -2.26 -20.40
C ASN A 124 -3.66 -3.65 -21.02
N ASP A 125 -2.71 -4.57 -20.94
CA ASP A 125 -2.98 -6.00 -21.29
C ASP A 125 -4.14 -6.54 -20.46
N GLU A 126 -4.07 -6.31 -19.16
CA GLU A 126 -5.08 -6.78 -18.20
C GLU A 126 -6.47 -6.24 -18.58
N ALA A 127 -6.54 -4.94 -18.92
CA ALA A 127 -7.80 -4.24 -19.29
C ALA A 127 -8.31 -4.94 -20.60
N LEU A 128 -7.45 -5.22 -21.59
CA LEU A 128 -7.92 -5.93 -22.82
C LEU A 128 -8.52 -7.28 -22.38
N PHE A 129 -7.79 -8.03 -21.55
CA PHE A 129 -8.32 -9.36 -21.15
C PHE A 129 -9.63 -9.21 -20.36
N ASP A 130 -9.77 -8.18 -19.53
CA ASP A 130 -11.05 -7.91 -18.79
C ASP A 130 -12.17 -7.79 -19.80
N TRP A 131 -11.94 -6.99 -20.87
CA TRP A 131 -13.03 -6.77 -21.85
C TRP A 131 -13.34 -8.07 -22.62
N LEU A 132 -12.30 -8.80 -23.02
CA LEU A 132 -12.56 -10.07 -23.72
C LEU A 132 -13.31 -11.06 -22.84
N ALA A 133 -12.95 -11.19 -21.57
CA ALA A 133 -13.55 -12.19 -20.69
C ALA A 133 -15.05 -11.92 -20.53
N VAL A 134 -15.43 -10.68 -20.21
CA VAL A 134 -16.83 -10.34 -19.99
C VAL A 134 -17.60 -10.50 -21.31
N ASN A 135 -17.07 -9.96 -22.40
CA ASN A 135 -17.79 -10.02 -23.68
C ASN A 135 -17.84 -11.46 -24.21
N TYR A 136 -16.85 -12.29 -23.89
CA TYR A 136 -16.97 -13.71 -24.22
C TYR A 136 -18.23 -14.28 -23.54
N LYS A 137 -18.36 -14.08 -22.24
CA LYS A 137 -19.50 -14.58 -21.51
C LYS A 137 -20.84 -14.04 -21.97
N LEU A 138 -20.85 -12.78 -22.44
CA LEU A 138 -22.06 -12.16 -22.95
C LEU A 138 -22.36 -12.57 -24.38
N ASP A 139 -21.44 -13.34 -24.99
CA ASP A 139 -21.53 -13.78 -26.42
CA ASP A 139 -21.67 -13.82 -26.39
C ASP A 139 -21.70 -12.59 -27.37
N THR A 140 -20.92 -11.55 -27.11
CA THR A 140 -20.91 -10.39 -28.00
C THR A 140 -19.71 -10.31 -28.93
N LEU A 141 -18.86 -11.33 -28.95
CA LEU A 141 -17.62 -11.30 -29.76
C LEU A 141 -17.77 -11.85 -31.19
N LYS A 142 -18.68 -12.78 -31.39
CA LYS A 142 -18.69 -13.49 -32.69
C LYS A 142 -19.36 -12.66 -33.79
N SER A 143 -20.20 -11.69 -33.37
CA SER A 143 -20.87 -10.79 -34.34
C SER A 143 -20.69 -9.32 -33.99
N VAL A 144 -20.76 -8.47 -35.00
CA VAL A 144 -20.70 -7.02 -34.81
C VAL A 144 -21.89 -6.52 -34.00
N GLN A 145 -21.57 -5.86 -32.90
CA GLN A 145 -22.57 -5.29 -31.99
C GLN A 145 -23.00 -3.91 -32.44
N ASN A 146 -24.28 -3.64 -32.23
CA ASN A 146 -24.83 -2.29 -32.41
C ASN A 146 -24.86 -1.49 -31.13
N LYS A 147 -24.33 -2.04 -30.04
CA LYS A 147 -24.24 -1.31 -28.80
C LYS A 147 -22.82 -1.41 -28.25
N SER A 148 -22.50 -0.44 -27.42
CA SER A 148 -21.17 -0.30 -26.84
CA SER A 148 -21.16 -0.36 -26.85
C SER A 148 -21.17 -0.88 -25.41
N VAL A 149 -20.33 -1.87 -25.18
CA VAL A 149 -20.20 -2.54 -23.88
C VAL A 149 -18.92 -2.06 -23.26
N GLY A 150 -19.03 -1.49 -22.08
CA GLY A 150 -17.84 -1.08 -21.29
C GLY A 150 -17.64 -2.03 -20.12
N VAL A 151 -16.37 -2.27 -19.76
CA VAL A 151 -16.06 -3.15 -18.64
C VAL A 151 -15.19 -2.38 -17.63
N MET A 152 -15.46 -2.62 -16.35
CA MET A 152 -14.62 -2.12 -15.26
C MET A 152 -14.21 -3.35 -14.47
N ASP A 153 -12.92 -3.41 -14.11
CA ASP A 153 -12.43 -4.47 -13.19
C ASP A 153 -11.93 -3.73 -11.93
N MET A 154 -12.66 -3.98 -10.84
CA MET A 154 -12.39 -3.31 -9.55
C MET A 154 -11.43 -4.20 -8.77
N GLY A 155 -10.13 -4.07 -9.03
CA GLY A 155 -9.15 -4.93 -8.35
C GLY A 155 -8.61 -4.38 -7.03
N GLY A 156 -7.73 -5.13 -6.41
CA GLY A 156 -7.17 -4.75 -5.09
C GLY A 156 -6.07 -3.70 -5.22
N ALA A 157 -5.29 -3.68 -6.31
CA ALA A 157 -4.16 -2.68 -6.43
C ALA A 157 -4.33 -1.75 -7.57
N SER A 158 -4.98 -2.18 -8.66
CA SER A 158 -5.34 -1.28 -9.73
C SER A 158 -6.79 -1.49 -10.14
N VAL A 159 -7.35 -0.50 -10.80
CA VAL A 159 -8.66 -0.63 -11.44
C VAL A 159 -8.46 -0.45 -12.92
N GLN A 160 -9.22 -1.23 -13.70
CA GLN A 160 -9.14 -1.07 -15.17
C GLN A 160 -10.49 -0.58 -15.71
N ILE A 161 -10.43 0.18 -16.77
CA ILE A 161 -11.64 0.57 -17.54
C ILE A 161 -11.31 0.37 -19.03
N VAL A 162 -12.30 -0.17 -19.78
CA VAL A 162 -12.08 -0.51 -21.17
C VAL A 162 -13.39 -0.39 -21.91
N PHE A 163 -13.36 0.22 -23.10
CA PHE A 163 -14.59 0.43 -23.87
C PHE A 163 -14.23 0.71 -25.32
N PRO A 164 -15.19 0.48 -26.24
CA PRO A 164 -14.92 0.73 -27.65
C PRO A 164 -14.62 2.20 -27.92
N MET A 165 -13.62 2.42 -28.74
CA MET A 165 -13.23 3.74 -29.19
C MET A 165 -12.43 3.69 -30.47
N PRO A 166 -12.88 4.43 -31.52
CA PRO A 166 -12.09 4.41 -32.75
C PRO A 166 -10.65 4.93 -32.49
N LYS A 167 -9.67 4.44 -33.25
CA LYS A 167 -8.29 4.98 -33.19
C LYS A 167 -8.22 6.51 -33.11
N ASN A 168 -7.47 6.99 -32.12
CA ASN A 168 -7.29 8.43 -31.92
C ASN A 168 -5.81 8.66 -31.85
N ALA A 169 -5.26 9.34 -32.86
CA ALA A 169 -3.82 9.53 -32.96
C ALA A 169 -3.26 10.45 -31.90
N GLU A 170 -4.15 11.14 -31.19
CA GLU A 170 -3.72 12.05 -30.11
C GLU A 170 -3.68 11.37 -28.75
N ILE A 171 -4.06 10.09 -28.70
CA ILE A 171 -4.00 9.34 -27.45
C ILE A 171 -2.85 8.37 -27.54
N SER A 172 -2.11 8.18 -26.42
CA SER A 172 -1.01 7.19 -26.39
C SER A 172 -1.41 5.88 -27.04
N LYS A 173 -0.49 5.31 -27.82
CA LYS A 173 -0.66 3.96 -28.37
C LYS A 173 -0.91 2.92 -27.25
N HIS A 174 -0.37 3.15 -26.06
CA HIS A 174 -0.49 2.20 -24.94
C HIS A 174 -1.91 2.07 -24.44
N ASN A 175 -2.71 3.11 -24.64
CA ASN A 175 -4.11 3.10 -24.16
C ASN A 175 -5.09 2.70 -25.26
N GLN A 176 -4.57 2.17 -26.38
CA GLN A 176 -5.46 1.71 -27.47
C GLN A 176 -5.07 0.36 -27.97
N VAL A 177 -6.10 -0.44 -28.26
CA VAL A 177 -5.82 -1.74 -28.84
CA VAL A 177 -5.91 -1.82 -28.76
C VAL A 177 -6.76 -2.04 -29.98
N GLU A 178 -6.16 -2.56 -31.05
CA GLU A 178 -6.92 -2.95 -32.20
C GLU A 178 -7.00 -4.45 -32.11
N LEU A 179 -8.20 -4.93 -31.83
CA LEU A 179 -8.46 -6.30 -31.53
C LEU A 179 -9.11 -6.95 -32.74
N ASN A 180 -8.56 -8.08 -33.18
CA ASN A 180 -9.19 -8.89 -34.18
C ASN A 180 -9.62 -10.17 -33.52
N ILE A 181 -10.92 -10.41 -33.50
CA ILE A 181 -11.45 -11.63 -32.83
C ILE A 181 -12.59 -12.14 -33.67
N TYR A 182 -12.64 -13.46 -33.93
CA TYR A 182 -13.71 -14.06 -34.71
C TYR A 182 -13.97 -13.34 -36.05
N GLY A 183 -12.92 -12.83 -36.70
CA GLY A 183 -13.09 -12.13 -37.97
C GLY A 183 -13.61 -10.69 -37.92
N GLN A 184 -13.94 -10.20 -36.72
CA GLN A 184 -14.26 -8.78 -36.56
C GLN A 184 -13.13 -7.97 -35.92
N ASN A 185 -13.03 -6.74 -36.38
CA ASN A 185 -12.08 -5.78 -35.92
C ASN A 185 -12.69 -4.83 -34.90
N ILE A 186 -12.12 -4.77 -33.69
CA ILE A 186 -12.67 -3.94 -32.60
C ILE A 186 -11.56 -3.00 -32.09
N ASN A 187 -11.83 -1.70 -32.03
CA ASN A 187 -10.83 -0.82 -31.46
C ASN A 187 -11.30 -0.43 -30.06
N LEU A 188 -10.43 -0.63 -29.10
CA LEU A 188 -10.72 -0.36 -27.68
C LEU A 188 -9.78 0.68 -27.07
N TYR A 189 -10.37 1.48 -26.19
CA TYR A 189 -9.56 2.25 -25.23
C TYR A 189 -9.38 1.41 -24.00
N VAL A 190 -8.13 1.38 -23.52
CA VAL A 190 -7.82 0.67 -22.23
C VAL A 190 -7.07 1.61 -21.29
N HIS A 191 -7.36 1.49 -20.00
CA HIS A 191 -6.59 2.22 -19.01
C HIS A 191 -6.67 1.50 -17.71
N SER A 192 -5.51 1.45 -17.03
CA SER A 192 -5.42 0.89 -15.66
C SER A 192 -4.86 1.99 -14.77
N PHE A 193 -5.43 2.08 -13.58
CA PHE A 193 -4.99 3.11 -12.59
C PHE A 193 -4.36 2.43 -11.39
N LEU A 194 -3.02 2.39 -11.41
CA LEU A 194 -2.24 1.74 -10.34
C LEU A 194 -2.30 2.57 -9.06
N GLY A 195 -2.56 1.89 -7.95
CA GLY A 195 -2.77 2.55 -6.68
C GLY A 195 -4.20 2.90 -6.35
N LEU A 196 -5.11 2.78 -7.35
CA LEU A 196 -6.54 3.04 -7.13
C LEU A 196 -7.38 1.75 -6.89
N GLY A 197 -6.70 0.60 -6.83
CA GLY A 197 -7.41 -0.63 -6.38
C GLY A 197 -7.82 -0.49 -4.91
N GLN A 198 -8.72 -1.32 -4.41
CA GLN A 198 -9.32 -1.15 -3.09
CA GLN A 198 -9.31 -1.07 -3.11
C GLN A 198 -8.29 -1.12 -1.96
N THR A 199 -7.33 -2.05 -1.99
CA THR A 199 -6.37 -2.17 -0.88
C THR A 199 -5.50 -0.90 -0.84
N GLU A 200 -4.89 -0.57 -1.98
CA GLU A 200 -3.93 0.55 -2.03
C GLU A 200 -4.68 1.85 -1.73
N MET A 201 -5.86 2.10 -2.30
CA MET A 201 -6.69 3.29 -2.05
CA MET A 201 -6.50 3.35 -2.04
C MET A 201 -6.92 3.44 -0.56
N SER A 202 -7.31 2.32 0.08
CA SER A 202 -7.83 2.39 1.45
C SER A 202 -6.73 2.90 2.34
N HIS A 203 -5.47 2.63 2.01
CA HIS A 203 -4.35 3.00 2.94
C HIS A 203 -4.17 4.49 3.01
N GLN A 204 -4.93 5.29 2.22
CA GLN A 204 -4.90 6.78 2.31
C GLN A 204 -6.03 7.30 3.21
N PHE A 205 -6.97 6.44 3.67
CA PHE A 205 -8.20 6.93 4.37
C PHE A 205 -8.53 6.20 5.67
N LEU A 206 -7.54 5.45 6.22
CA LEU A 206 -7.85 4.66 7.42
C LEU A 206 -8.12 5.49 8.69
N ASN A 207 -7.66 6.75 8.68
CA ASN A 207 -7.97 7.62 9.80
C ASN A 207 -8.96 8.72 9.38
N SER A 208 -9.78 8.48 8.34
CA SER A 208 -10.90 9.37 8.02
C SER A 208 -12.17 8.96 8.75
N PRO A 209 -12.62 9.69 9.76
CA PRO A 209 -13.81 9.25 10.48
C PRO A 209 -15.03 9.17 9.55
N SER A 210 -15.11 10.00 8.50
CA SER A 210 -16.26 9.94 7.60
C SER A 210 -16.38 8.58 6.85
N CYS A 211 -15.28 7.81 6.81
CA CYS A 211 -15.28 6.58 6.00
C CYS A 211 -15.54 5.36 6.85
N PHE A 212 -15.89 5.43 8.11
CA PHE A 212 -16.09 4.27 8.97
C PHE A 212 -17.33 4.44 9.84
N ALA A 213 -17.96 3.33 10.23
CA ALA A 213 -19.15 3.38 11.08
C ALA A 213 -18.86 4.15 12.38
N ASN A 214 -19.92 4.68 12.95
CA ASN A 214 -19.81 5.46 14.19
C ASN A 214 -19.12 4.61 15.25
N ASP A 215 -18.09 5.21 15.88
CA ASP A 215 -17.32 4.56 16.94
C ASP A 215 -16.43 3.39 16.52
N TYR A 216 -16.28 3.17 15.22
CA TYR A 216 -15.25 2.24 14.75
C TYR A 216 -13.90 2.78 15.28
N PRO A 217 -13.06 1.89 15.84
CA PRO A 217 -11.75 2.38 16.37
C PRO A 217 -10.74 2.55 15.23
N LEU A 218 -10.51 3.82 14.86
CA LEU A 218 -9.52 4.15 13.84
C LEU A 218 -8.11 3.88 14.42
N PRO A 219 -7.13 3.61 13.53
CA PRO A 219 -5.82 3.17 14.05
C PRO A 219 -5.18 4.28 14.91
N ASP A 220 -5.44 5.54 14.62
CA ASP A 220 -4.70 6.40 15.50
CA ASP A 220 -4.89 6.72 15.35
C ASP A 220 -5.52 6.97 16.68
N GLY A 221 -6.56 6.19 17.04
CA GLY A 221 -7.24 6.38 18.30
C GLY A 221 -8.50 7.21 18.27
N GLU A 222 -8.78 7.84 17.13
CA GLU A 222 -10.03 8.56 16.96
C GLU A 222 -11.17 7.55 16.59
N SER A 223 -12.38 8.06 16.67
CA SER A 223 -13.58 7.31 16.40
C SER A 223 -14.17 7.55 15.02
N GLY A 224 -14.67 6.47 14.42
CA GLY A 224 -15.43 6.65 13.17
C GLY A 224 -16.64 7.53 13.40
N GLN A 225 -17.04 8.24 12.33
CA GLN A 225 -18.24 9.06 12.37
CA GLN A 225 -18.26 9.06 12.38
C GLN A 225 -18.71 9.14 10.94
N GLY A 226 -19.30 8.02 10.49
CA GLY A 226 -19.45 7.83 9.05
C GLY A 226 -20.42 8.78 8.33
N ASN A 227 -20.11 9.12 7.07
CA ASN A 227 -20.98 10.01 6.28
C ASN A 227 -20.49 9.75 4.85
N ALA A 228 -21.27 8.95 4.12
CA ALA A 228 -20.76 8.48 2.84
C ALA A 228 -20.50 9.65 1.86
N PRO A 229 -21.42 10.66 1.75
CA PRO A 229 -21.05 11.78 0.83
C PRO A 229 -19.72 12.41 1.17
N SER A 230 -19.44 12.55 2.45
CA SER A 230 -18.18 13.15 2.88
CA SER A 230 -18.19 13.16 2.85
C SER A 230 -16.99 12.25 2.57
N CYS A 231 -17.14 10.96 2.89
CA CYS A 231 -16.06 10.02 2.55
C CYS A 231 -15.81 10.05 1.03
N LYS A 232 -16.91 9.97 0.26
CA LYS A 232 -16.79 10.03 -1.19
C LYS A 232 -15.96 11.22 -1.69
N GLU A 233 -16.28 12.41 -1.09
CA GLU A 233 -15.53 13.63 -1.55
C GLU A 233 -14.02 13.44 -1.26
N GLU A 234 -13.69 12.81 -0.14
CA GLU A 234 -12.24 12.57 0.17
C GLU A 234 -11.61 11.67 -0.91
N VAL A 235 -12.36 10.59 -1.26
CA VAL A 235 -11.81 9.66 -2.25
C VAL A 235 -11.72 10.33 -3.61
N THR A 236 -12.73 11.15 -3.94
CA THR A 236 -12.67 11.90 -5.20
C THR A 236 -11.40 12.74 -5.34
N SER A 237 -10.95 13.34 -4.21
CA SER A 237 -9.70 14.14 -4.27
CA SER A 237 -9.70 14.13 -4.21
C SER A 237 -8.53 13.26 -4.70
N LEU A 238 -8.50 11.97 -4.27
CA LEU A 238 -7.43 11.08 -4.76
C LEU A 238 -7.66 10.72 -6.25
N MET A 239 -8.93 10.48 -6.64
CA MET A 239 -9.24 10.13 -8.05
CA MET A 239 -9.11 10.08 -8.04
C MET A 239 -8.78 11.24 -8.99
N ASN A 240 -9.18 12.47 -8.64
CA ASN A 240 -9.12 13.59 -9.59
C ASN A 240 -7.98 14.59 -9.31
N SER A 241 -7.85 15.07 -8.08
CA SER A 241 -6.74 16.01 -7.82
C SER A 241 -5.39 15.31 -7.95
N VAL A 242 -5.32 14.05 -7.54
CA VAL A 242 -4.07 13.27 -7.68
C VAL A 242 -3.98 12.61 -9.07
N HIS A 243 -4.84 11.59 -9.33
CA HIS A 243 -4.70 10.83 -10.53
C HIS A 243 -5.33 11.40 -11.80
N LYS A 244 -6.10 12.49 -11.71
CA LYS A 244 -6.70 13.10 -12.91
CA LYS A 244 -6.75 13.12 -12.86
C LYS A 244 -7.56 12.08 -13.66
N VAL A 245 -8.26 11.22 -12.93
CA VAL A 245 -9.09 10.25 -13.61
C VAL A 245 -10.15 11.01 -14.47
N ASN A 246 -10.81 12.00 -13.90
CA ASN A 246 -11.85 12.75 -14.62
CA ASN A 246 -11.87 12.57 -14.68
C ASN A 246 -11.35 13.27 -15.98
N GLN A 247 -10.22 13.95 -15.90
CA GLN A 247 -9.67 14.65 -17.09
C GLN A 247 -9.26 13.66 -18.19
N GLN A 248 -8.83 12.45 -17.76
CA GLN A 248 -8.41 11.43 -18.76
C GLN A 248 -9.59 10.69 -19.39
N ILE A 249 -10.56 10.34 -18.56
CA ILE A 249 -11.65 9.44 -18.98
C ILE A 249 -12.90 10.14 -19.47
N GLN A 250 -13.35 11.20 -18.78
CA GLN A 250 -14.67 11.78 -19.16
C GLN A 250 -14.76 12.29 -20.58
N PRO A 251 -13.70 12.98 -21.08
CA PRO A 251 -13.86 13.49 -22.46
C PRO A 251 -13.99 12.35 -23.49
N LEU A 252 -13.34 11.23 -23.21
CA LEU A 252 -13.43 10.04 -24.09
C LEU A 252 -14.81 9.42 -24.05
N LEU A 253 -15.32 9.21 -22.86
CA LEU A 253 -16.69 8.65 -22.74
C LEU A 253 -17.75 9.61 -23.29
N ALA A 254 -17.54 10.92 -23.22
CA ALA A 254 -18.51 11.84 -23.79
C ALA A 254 -18.68 11.61 -25.28
N LEU A 255 -17.57 11.38 -25.98
CA LEU A 255 -17.62 11.24 -27.42
C LEU A 255 -17.82 9.77 -27.87
N ASN A 256 -17.71 8.84 -26.93
CA ASN A 256 -17.78 7.41 -27.23
C ASN A 256 -18.65 6.69 -26.21
N PRO A 257 -19.94 7.07 -26.12
CA PRO A 257 -20.69 6.57 -24.98
C PRO A 257 -20.80 5.07 -24.92
N VAL A 258 -20.84 4.62 -23.68
CA VAL A 258 -21.10 3.24 -23.37
C VAL A 258 -22.58 3.02 -23.10
N ASN A 259 -23.16 2.07 -23.85
CA ASN A 259 -24.58 1.64 -23.64
C ASN A 259 -24.85 0.69 -22.47
N GLU A 260 -23.91 -0.22 -22.22
CA GLU A 260 -24.06 -1.15 -21.09
CA GLU A 260 -24.03 -1.21 -21.14
C GLU A 260 -22.73 -1.28 -20.37
N TRP A 261 -22.76 -1.05 -19.07
CA TRP A 261 -21.58 -1.23 -18.18
C TRP A 261 -21.65 -2.55 -17.46
N TYR A 262 -20.52 -3.22 -17.49
CA TYR A 262 -20.32 -4.46 -16.71
C TYR A 262 -19.09 -4.31 -15.81
N SER A 263 -19.20 -4.81 -14.61
CA SER A 263 -18.12 -4.76 -13.64
CA SER A 263 -18.03 -4.80 -13.70
C SER A 263 -17.79 -6.16 -13.10
N ILE A 264 -16.48 -6.38 -12.84
CA ILE A 264 -15.99 -7.54 -12.15
C ILE A 264 -15.04 -7.08 -11.05
N GLY A 265 -14.57 -8.00 -10.27
CA GLY A 265 -13.71 -7.62 -9.09
C GLY A 265 -14.54 -7.48 -7.82
N GLY A 266 -13.98 -6.74 -6.87
CA GLY A 266 -14.54 -6.71 -5.51
C GLY A 266 -15.98 -6.20 -5.40
N ILE A 267 -16.41 -5.37 -6.37
CA ILE A 267 -17.75 -4.77 -6.30
C ILE A 267 -18.81 -5.87 -6.35
N SER A 268 -18.57 -6.93 -7.13
CA SER A 268 -19.51 -8.11 -7.15
C SER A 268 -19.70 -8.71 -5.78
N ASN A 269 -18.58 -8.81 -5.02
CA ASN A 269 -18.69 -9.39 -3.66
C ASN A 269 -19.45 -8.48 -2.70
N LEU A 270 -19.13 -7.19 -2.76
CA LEU A 270 -19.82 -6.21 -1.91
C LEU A 270 -21.30 -6.18 -2.24
N ALA A 271 -21.63 -6.16 -3.55
CA ALA A 271 -23.04 -6.04 -3.91
C ALA A 271 -23.90 -7.28 -3.56
N SER A 272 -23.25 -8.44 -3.48
CA SER A 272 -23.79 -9.79 -3.21
C SER A 272 -23.74 -10.12 -1.74
N SER A 273 -23.17 -9.22 -0.93
CA SER A 273 -23.07 -9.47 0.51
C SER A 273 -24.42 -9.41 1.23
N GLN A 274 -24.42 -9.77 2.53
CA GLN A 274 -25.66 -9.76 3.29
C GLN A 274 -26.07 -8.32 3.53
N LEU A 275 -25.13 -7.35 3.53
CA LEU A 275 -25.47 -5.95 3.89
C LEU A 275 -26.14 -5.13 2.81
N PHE A 276 -25.92 -5.53 1.56
CA PHE A 276 -26.40 -4.77 0.40
C PHE A 276 -27.52 -5.53 -0.26
N HIS A 277 -28.40 -4.78 -0.87
CA HIS A 277 -29.59 -5.42 -1.48
C HIS A 277 -29.76 -4.92 -2.91
N PHE A 278 -29.47 -5.81 -3.88
CA PHE A 278 -29.59 -5.51 -5.28
C PHE A 278 -30.22 -6.68 -5.98
N GLU A 279 -31.09 -6.35 -6.94
CA GLU A 279 -31.78 -7.33 -7.78
CA GLU A 279 -31.74 -7.36 -7.77
C GLU A 279 -31.09 -7.44 -9.14
N ASN A 280 -31.27 -8.61 -9.78
CA ASN A 280 -30.86 -8.82 -11.17
C ASN A 280 -29.35 -8.64 -11.40
N SER A 281 -28.53 -8.89 -10.35
CA SER A 281 -27.07 -8.71 -10.44
CA SER A 281 -27.08 -8.72 -10.45
C SER A 281 -26.67 -7.35 -11.08
N GLU A 282 -27.38 -6.30 -10.64
CA GLU A 282 -27.00 -4.96 -11.12
C GLU A 282 -27.31 -3.96 -10.08
N LEU A 283 -26.58 -2.85 -10.19
CA LEU A 283 -26.71 -1.77 -9.17
C LEU A 283 -26.80 -0.43 -9.87
N THR A 284 -27.09 0.64 -9.10
CA THR A 284 -26.83 2.02 -9.53
C THR A 284 -25.88 2.60 -8.48
N ASN A 285 -25.04 3.57 -8.91
CA ASN A 285 -24.19 4.21 -7.91
C ASN A 285 -25.04 4.97 -6.87
N GLN A 286 -26.16 5.60 -7.26
CA GLN A 286 -26.96 6.30 -6.27
CA GLN A 286 -27.10 6.24 -6.32
C GLN A 286 -27.45 5.34 -5.18
N SER A 287 -27.88 4.12 -5.54
CA SER A 287 -28.37 3.21 -4.51
C SER A 287 -27.19 2.64 -3.68
N LEU A 288 -26.05 2.36 -4.33
CA LEU A 288 -24.86 1.92 -3.61
C LEU A 288 -24.46 2.92 -2.50
N LEU A 289 -24.42 4.22 -2.87
CA LEU A 289 -24.00 5.21 -1.88
C LEU A 289 -25.04 5.32 -0.77
N GLN A 290 -26.34 5.34 -1.11
CA GLN A 290 -27.34 5.51 -0.10
CA GLN A 290 -27.44 5.42 -0.13
C GLN A 290 -27.35 4.29 0.85
N GLN A 291 -27.23 3.07 0.29
CA GLN A 291 -27.22 1.89 1.18
C GLN A 291 -25.97 1.89 2.05
N GLY A 292 -24.83 2.27 1.47
CA GLY A 292 -23.59 2.34 2.32
C GLY A 292 -23.83 3.35 3.45
N ASP A 293 -24.39 4.49 3.10
CA ASP A 293 -24.55 5.59 4.10
C ASP A 293 -25.45 5.16 5.25
N ASN A 294 -26.57 4.51 4.87
CA ASN A 294 -27.56 4.17 5.87
C ASN A 294 -27.34 2.88 6.58
N GLN A 295 -26.82 1.90 5.85
CA GLN A 295 -26.66 0.57 6.48
C GLN A 295 -25.33 0.38 7.15
N ILE A 296 -24.34 1.27 6.90
CA ILE A 296 -23.01 1.09 7.50
C ILE A 296 -22.56 2.42 8.15
N CYS A 297 -22.43 3.47 7.33
CA CYS A 297 -21.69 4.70 7.80
C CYS A 297 -22.32 5.26 9.09
N HIS A 298 -23.67 5.30 9.11
CA HIS A 298 -24.42 5.90 10.21
C HIS A 298 -24.85 4.92 11.29
N GLN A 299 -24.37 3.67 11.22
CA GLN A 299 -24.65 2.69 12.26
C GLN A 299 -23.57 2.75 13.37
N GLN A 300 -23.91 2.29 14.58
CA GLN A 300 -22.91 2.18 15.64
CA GLN A 300 -22.94 2.14 15.69
C GLN A 300 -22.13 0.88 15.37
N TRP A 301 -20.83 1.00 15.30
CA TRP A 301 -19.98 -0.07 14.90
C TRP A 301 -20.19 -1.34 15.73
N ASP A 302 -20.12 -1.31 17.07
CA ASP A 302 -20.23 -2.55 17.86
CA ASP A 302 -20.21 -2.59 17.82
C ASP A 302 -21.55 -3.26 17.60
N ILE A 303 -22.62 -2.45 17.44
CA ILE A 303 -23.95 -2.99 17.22
CA ILE A 303 -23.95 -2.99 17.23
C ILE A 303 -24.01 -3.69 15.87
N LEU A 304 -23.55 -3.02 14.83
CA LEU A 304 -23.53 -3.57 13.48
C LEU A 304 -22.65 -4.80 13.35
N ASN A 305 -21.45 -4.74 13.94
CA ASN A 305 -20.53 -5.86 13.94
C ASN A 305 -21.16 -7.05 14.63
N GLY A 306 -21.86 -6.80 15.72
CA GLY A 306 -22.57 -7.93 16.39
C GLY A 306 -23.71 -8.50 15.55
N GLN A 307 -24.43 -7.64 14.82
CA GLN A 307 -25.50 -8.11 13.95
C GLN A 307 -24.99 -8.98 12.79
N TYR A 308 -23.84 -8.61 12.21
CA TYR A 308 -23.30 -9.29 10.99
C TYR A 308 -21.89 -9.81 11.25
N PRO A 309 -21.77 -10.88 12.04
CA PRO A 309 -20.45 -11.31 12.52
C PRO A 309 -19.63 -12.02 11.45
N ASP A 310 -20.24 -12.46 10.37
CA ASP A 310 -19.46 -13.36 9.54
C ASP A 310 -18.82 -12.72 8.28
N ASP A 311 -18.65 -11.42 8.28
CA ASP A 311 -18.25 -10.74 7.05
C ASP A 311 -17.00 -9.91 7.28
N GLU A 312 -15.83 -10.39 6.83
CA GLU A 312 -14.53 -9.77 7.09
C GLU A 312 -14.40 -8.40 6.47
N TYR A 313 -15.24 -8.13 5.48
CA TYR A 313 -15.23 -6.81 4.83
C TYR A 313 -16.15 -5.79 5.42
N LEU A 314 -17.02 -6.19 6.33
CA LEU A 314 -18.03 -5.28 6.90
C LEU A 314 -17.42 -3.95 7.32
N TYR A 315 -16.29 -3.97 8.02
CA TYR A 315 -15.77 -2.71 8.56
C TYR A 315 -15.46 -1.70 7.48
N GLN A 316 -15.20 -2.17 6.26
CA GLN A 316 -14.78 -1.34 5.18
C GLN A 316 -15.94 -0.93 4.26
N TYR A 317 -17.19 -1.32 4.57
CA TYR A 317 -18.20 -1.07 3.57
C TYR A 317 -18.63 0.38 3.43
N CYS A 318 -18.45 1.22 4.47
CA CYS A 318 -18.78 2.65 4.32
C CYS A 318 -17.73 3.23 3.35
N LEU A 319 -16.46 2.86 3.54
CA LEU A 319 -15.37 3.34 2.69
C LEU A 319 -15.56 2.82 1.22
N LEU A 320 -15.86 1.52 1.12
CA LEU A 320 -15.88 0.93 -0.25
C LEU A 320 -17.05 1.45 -1.07
N SER A 321 -18.24 1.57 -0.45
CA SER A 321 -19.38 2.07 -1.21
C SER A 321 -19.07 3.49 -1.66
N SER A 322 -18.46 4.32 -0.75
CA SER A 322 -18.14 5.73 -1.11
C SER A 322 -17.07 5.74 -2.24
N TYR A 323 -16.06 4.84 -2.13
CA TYR A 323 -15.00 4.73 -3.11
C TYR A 323 -15.48 4.34 -4.51
N TYR A 324 -16.37 3.35 -4.56
CA TYR A 324 -16.89 2.94 -5.88
C TYR A 324 -17.65 4.09 -6.54
N TYR A 325 -18.44 4.82 -5.74
CA TYR A 325 -19.17 5.98 -6.27
C TYR A 325 -18.17 7.05 -6.72
N ALA A 326 -17.15 7.37 -5.88
CA ALA A 326 -16.16 8.36 -6.29
C ALA A 326 -15.48 7.98 -7.63
N LEU A 327 -15.12 6.70 -7.75
CA LEU A 327 -14.46 6.26 -8.97
C LEU A 327 -15.41 6.35 -10.17
N MET A 328 -16.62 5.75 -10.05
CA MET A 328 -17.45 5.67 -11.24
C MET A 328 -18.12 6.96 -11.60
N VAL A 329 -18.63 7.66 -10.57
CA VAL A 329 -19.40 8.88 -10.85
C VAL A 329 -18.44 10.09 -11.01
N ASP A 330 -17.63 10.32 -9.96
CA ASP A 330 -16.78 11.55 -10.04
C ASP A 330 -15.55 11.37 -10.92
N GLY A 331 -15.04 10.13 -11.00
CA GLY A 331 -13.87 9.84 -11.84
C GLY A 331 -14.32 9.63 -13.28
N TYR A 332 -14.99 8.48 -13.53
CA TYR A 332 -15.37 8.19 -14.93
C TYR A 332 -16.49 9.02 -15.52
N GLY A 333 -17.26 9.70 -14.66
CA GLY A 333 -18.37 10.55 -15.12
C GLY A 333 -19.65 9.78 -15.40
N ILE A 334 -19.78 8.55 -14.91
CA ILE A 334 -21.01 7.71 -15.17
C ILE A 334 -22.15 8.34 -14.33
N ASN A 335 -23.33 8.42 -14.92
CA ASN A 335 -24.48 8.97 -14.20
C ASN A 335 -24.82 8.08 -12.99
N PRO A 336 -25.15 8.71 -11.86
CA PRO A 336 -25.43 7.90 -10.67
C PRO A 336 -26.64 6.96 -10.79
N ASN A 337 -27.51 7.19 -11.80
CA ASN A 337 -28.67 6.31 -12.01
C ASN A 337 -28.49 5.33 -13.15
N GLN A 338 -27.31 5.31 -13.77
CA GLN A 338 -27.02 4.37 -14.83
CA GLN A 338 -27.10 4.34 -14.86
C GLN A 338 -26.84 2.99 -14.20
N THR A 339 -27.45 1.98 -14.79
CA THR A 339 -27.28 0.58 -14.33
C THR A 339 -25.84 0.14 -14.52
N ILE A 340 -25.29 -0.53 -13.50
CA ILE A 340 -23.98 -1.17 -13.58
C ILE A 340 -24.24 -2.65 -13.31
N HIS A 341 -24.08 -3.44 -14.35
CA HIS A 341 -24.19 -4.89 -14.14
C HIS A 341 -22.93 -5.39 -13.46
N TYR A 342 -23.06 -6.36 -12.56
CA TYR A 342 -21.86 -7.01 -11.99
C TYR A 342 -22.00 -8.49 -12.18
N ILE A 343 -20.89 -9.16 -12.42
CA ILE A 343 -20.99 -10.58 -12.67
C ILE A 343 -21.09 -11.30 -11.32
N PRO A 344 -22.03 -12.25 -11.14
CA PRO A 344 -22.14 -12.92 -9.85
C PRO A 344 -20.80 -13.60 -9.45
N PRO A 345 -20.39 -13.43 -8.19
CA PRO A 345 -19.10 -13.97 -7.75
C PRO A 345 -18.90 -15.47 -7.97
N GLU A 346 -20.00 -16.20 -7.86
CA GLU A 346 -19.93 -17.67 -7.96
C GLU A 346 -19.53 -18.11 -9.36
N GLN A 347 -19.54 -17.19 -10.33
CA GLN A 347 -19.12 -17.55 -11.69
C GLN A 347 -17.60 -17.63 -11.82
N ASN A 348 -16.89 -17.14 -10.82
CA ASN A 348 -15.41 -17.17 -10.83
C ASN A 348 -14.86 -16.51 -12.09
N LEU A 349 -15.51 -15.43 -12.51
CA LEU A 349 -15.07 -14.76 -13.73
C LEU A 349 -13.96 -13.74 -13.40
N ASP A 350 -12.80 -13.93 -14.02
CA ASP A 350 -11.77 -12.88 -14.02
C ASP A 350 -11.28 -12.78 -15.48
N TRP A 351 -10.23 -12.02 -15.67
CA TRP A 351 -9.74 -11.67 -17.02
C TRP A 351 -9.08 -12.88 -17.71
N THR A 352 -8.88 -13.97 -16.97
CA THR A 352 -8.15 -15.15 -17.58
C THR A 352 -8.82 -15.77 -18.85
N ILE A 353 -10.12 -15.65 -19.00
CA ILE A 353 -10.75 -16.15 -20.25
C ILE A 353 -10.19 -15.38 -21.43
N GLY A 354 -9.84 -14.06 -21.23
CA GLY A 354 -9.19 -13.29 -22.31
C GLY A 354 -7.90 -13.91 -22.80
N VAL A 355 -7.09 -14.44 -21.89
CA VAL A 355 -5.84 -15.12 -22.26
C VAL A 355 -6.16 -16.37 -23.13
N VAL A 356 -7.20 -17.12 -22.73
CA VAL A 356 -7.59 -18.29 -23.57
C VAL A 356 -7.80 -17.82 -25.00
N LEU A 357 -8.57 -16.74 -25.17
CA LEU A 357 -8.90 -16.22 -26.51
C LEU A 357 -7.80 -15.55 -27.30
N HIS A 358 -6.86 -14.92 -26.60
CA HIS A 358 -5.92 -13.99 -27.20
C HIS A 358 -4.59 -14.16 -26.45
N ARG A 359 -3.65 -14.87 -27.03
CA ARG A 359 -2.38 -15.10 -26.34
C ARG A 359 -1.38 -13.92 -26.30
N ALA A 360 -1.50 -12.99 -27.26
CA ALA A 360 -0.51 -11.88 -27.39
C ALA A 360 -0.58 -10.86 -26.25
N LEU A 361 0.58 -10.30 -25.90
CA LEU A 361 0.68 -9.21 -24.92
C LEU A 361 1.35 -8.02 -25.62
N GLU A 362 1.30 -6.83 -24.98
CA GLU A 362 1.87 -5.61 -25.60
C GLU A 362 3.39 -5.50 -25.49
N ASN B 4 28.96 -9.63 30.32
CA ASN B 4 27.48 -9.29 30.25
C ASN B 4 27.15 -8.02 31.06
N PRO B 5 26.91 -6.91 30.37
CA PRO B 5 26.65 -5.63 31.04
C PRO B 5 25.38 -5.70 31.86
N CYS B 6 24.52 -6.65 31.56
CA CYS B 6 23.20 -6.69 32.22
C CYS B 6 23.28 -7.32 33.63
N GLU B 7 24.47 -7.84 34.03
CA GLU B 7 24.71 -8.25 35.42
C GLU B 7 25.00 -7.04 36.29
N LYS B 8 25.30 -5.91 35.66
CA LYS B 8 25.61 -4.69 36.44
C LYS B 8 24.70 -3.50 36.16
N HIS B 9 23.86 -3.62 35.10
CA HIS B 9 22.97 -2.52 34.68
C HIS B 9 21.65 -3.10 34.33
N SER B 10 20.59 -2.30 34.40
CA SER B 10 19.29 -2.70 33.87
C SER B 10 19.40 -2.86 32.36
N CYS B 11 18.76 -3.91 31.85
CA CYS B 11 18.65 -4.09 30.39
C CYS B 11 17.23 -4.44 30.00
N ILE B 12 16.80 -3.88 28.85
CA ILE B 12 15.57 -4.38 28.22
C ILE B 12 15.85 -4.48 26.75
N ALA B 13 15.05 -5.29 26.08
CA ALA B 13 15.10 -5.40 24.61
C ALA B 13 13.82 -4.71 24.10
N VAL B 14 13.96 -3.91 23.04
CA VAL B 14 12.81 -3.27 22.41
C VAL B 14 12.95 -3.52 20.94
N ILE B 15 11.84 -4.01 20.37
CA ILE B 15 11.80 -4.30 18.92
C ILE B 15 10.91 -3.26 18.26
N ASP B 16 11.48 -2.59 17.28
CA ASP B 16 10.76 -1.67 16.41
C ASP B 16 10.27 -2.55 15.24
N ALA B 17 8.98 -2.87 15.28
CA ALA B 17 8.40 -3.69 14.19
C ALA B 17 7.83 -2.67 13.17
N GLY B 18 8.70 -2.20 12.28
CA GLY B 18 8.41 -1.15 11.31
C GLY B 18 7.76 -1.76 10.07
N SER B 19 7.33 -0.91 9.16
CA SER B 19 6.64 -1.37 7.94
C SER B 19 7.58 -2.09 6.97
N THR B 20 8.87 -1.76 6.97
CA THR B 20 9.82 -2.34 6.02
C THR B 20 10.71 -3.45 6.66
N GLY B 21 10.67 -3.57 8.00
CA GLY B 21 11.61 -4.44 8.67
C GLY B 21 11.45 -4.31 10.16
N SER B 22 12.06 -5.25 10.92
CA SER B 22 12.06 -5.13 12.39
C SER B 22 13.51 -4.94 12.82
N ARG B 23 13.67 -4.14 13.89
CA ARG B 23 14.99 -3.88 14.50
C ARG B 23 14.90 -4.21 15.99
N LEU B 24 15.68 -5.20 16.36
CA LEU B 24 15.86 -5.55 17.76
C LEU B 24 17.00 -4.69 18.33
N HIS B 25 16.71 -4.04 19.48
CA HIS B 25 17.78 -3.42 20.26
C HIS B 25 17.81 -4.01 21.64
N ILE B 26 19.02 -4.26 22.15
CA ILE B 26 19.16 -4.47 23.61
C ILE B 26 19.83 -3.25 24.17
N TYR B 27 19.19 -2.63 25.14
CA TYR B 27 19.77 -1.43 25.79
C TYR B 27 20.12 -1.71 27.24
N SER B 28 21.33 -1.30 27.64
CA SER B 28 21.67 -1.24 29.06
C SER B 28 21.49 0.20 29.53
N TYR B 29 21.23 0.36 30.82
CA TYR B 29 21.09 1.72 31.38
C TYR B 29 21.16 1.63 32.88
N ASP B 30 21.43 2.79 33.46
CA ASP B 30 21.31 2.98 34.89
C ASP B 30 20.10 3.86 35.14
N THR B 31 19.80 4.17 36.40
CA THR B 31 18.73 5.11 36.68
C THR B 31 19.14 6.13 37.68
N ASP B 32 18.51 7.30 37.57
CA ASP B 32 18.78 8.35 38.50
C ASP B 32 17.92 8.17 39.76
N ASP B 33 17.85 9.22 40.62
CA ASP B 33 17.14 9.09 41.87
C ASP B 33 15.63 8.97 41.84
N THR B 34 15.03 9.19 40.66
CA THR B 34 13.61 8.98 40.46
C THR B 34 13.39 7.71 39.66
N ASN B 35 14.45 6.92 39.47
CA ASN B 35 14.41 5.66 38.74
C ASN B 35 14.23 5.91 37.23
N THR B 36 14.54 7.13 36.75
CA THR B 36 14.51 7.43 35.29
C THR B 36 15.81 7.03 34.63
N PRO B 37 15.72 6.34 33.46
CA PRO B 37 16.95 5.88 32.86
C PRO B 37 17.94 6.95 32.48
N ILE B 38 19.23 6.65 32.68
CA ILE B 38 20.32 7.50 32.17
C ILE B 38 21.41 6.53 31.64
N HIS B 39 22.40 7.04 30.92
CA HIS B 39 23.52 6.21 30.42
C HIS B 39 22.99 5.09 29.54
N ILE B 40 21.99 5.41 28.71
CA ILE B 40 21.36 4.36 27.82
C ILE B 40 22.40 4.03 26.76
N GLU B 41 22.74 2.76 26.62
CA GLU B 41 23.70 2.28 25.64
C GLU B 41 23.09 1.10 24.87
N GLU B 42 23.19 1.13 23.56
CA GLU B 42 22.79 -0.02 22.77
C GLU B 42 23.94 -1.05 22.80
N ILE B 43 23.61 -2.24 23.32
CA ILE B 43 24.64 -3.31 23.40
C ILE B 43 24.46 -4.41 22.37
N TRP B 44 23.30 -4.40 21.67
CA TRP B 44 23.09 -5.33 20.58
C TRP B 44 22.06 -4.74 19.66
N ASN B 45 22.26 -4.97 18.36
CA ASN B 45 21.29 -4.58 17.34
C ASN B 45 21.17 -5.77 16.35
N LYS B 46 19.98 -6.02 15.88
CA LYS B 46 19.77 -6.92 14.72
C LYS B 46 18.58 -6.44 13.94
N LYS B 47 18.75 -6.37 12.62
CA LYS B 47 17.65 -5.90 11.77
C LYS B 47 17.34 -7.04 10.81
N ILE B 48 16.06 -7.21 10.52
CA ILE B 48 15.68 -8.11 9.43
CA ILE B 48 15.50 -8.21 9.59
C ILE B 48 14.54 -7.48 8.64
N LYS B 49 14.36 -8.00 7.42
CA LYS B 49 13.34 -7.57 6.53
C LYS B 49 12.58 -8.86 6.14
N PRO B 50 11.34 -8.73 5.65
CA PRO B 50 10.58 -7.50 5.42
C PRO B 50 9.82 -7.14 6.70
N GLY B 51 8.80 -6.29 6.58
CA GLY B 51 7.96 -5.88 7.74
C GLY B 51 7.21 -7.06 8.31
N PHE B 52 7.09 -7.17 9.61
CA PHE B 52 6.30 -8.25 10.26
C PHE B 52 4.88 -8.30 9.72
N ALA B 53 4.26 -7.14 9.55
CA ALA B 53 2.85 -7.09 9.09
C ALA B 53 2.70 -7.36 7.61
N SER B 54 3.77 -7.70 6.91
CA SER B 54 3.64 -8.05 5.49
CA SER B 54 3.69 -8.05 5.49
C SER B 54 3.72 -9.56 5.26
N ILE B 55 4.17 -10.34 6.26
CA ILE B 55 4.38 -11.79 6.05
C ILE B 55 3.08 -12.57 6.34
N GLN B 56 3.01 -13.82 5.87
CA GLN B 56 1.79 -14.61 6.10
C GLN B 56 1.68 -14.89 7.59
N PRO B 57 0.50 -14.62 8.19
CA PRO B 57 0.38 -14.76 9.66
C PRO B 57 0.05 -16.21 10.07
N ASN B 58 0.93 -17.16 9.74
CA ASN B 58 0.77 -18.53 10.19
C ASN B 58 1.97 -18.92 11.02
N SER B 59 1.89 -20.05 11.75
CA SER B 59 2.97 -20.41 12.69
C SER B 59 4.32 -20.60 12.05
N VAL B 60 4.36 -21.28 10.91
CA VAL B 60 5.63 -21.58 10.27
C VAL B 60 6.36 -20.26 9.91
N THR B 61 5.64 -19.33 9.32
CA THR B 61 6.23 -18.12 8.82
C THR B 61 6.63 -17.23 10.02
N ILE B 62 5.75 -17.09 11.00
CA ILE B 62 6.02 -16.21 12.14
C ILE B 62 7.17 -16.79 12.98
N ASP B 63 7.22 -18.11 13.16
CA ASP B 63 8.36 -18.84 13.89
CA ASP B 63 8.26 -18.68 13.97
C ASP B 63 9.63 -18.48 13.21
N ALA B 64 9.68 -18.69 11.88
CA ALA B 64 10.95 -18.46 11.15
C ALA B 64 11.42 -16.98 11.34
N TYR B 65 10.46 -16.06 11.27
CA TYR B 65 10.80 -14.61 11.31
C TYR B 65 11.34 -14.24 12.69
N LEU B 66 10.63 -14.66 13.71
CA LEU B 66 11.06 -14.37 15.08
C LEU B 66 12.39 -15.04 15.40
N THR B 67 12.53 -16.29 15.00
CA THR B 67 13.77 -16.99 15.21
C THR B 67 14.94 -16.25 14.58
N MET B 68 14.79 -15.79 13.34
CA MET B 68 15.88 -15.03 12.64
C MET B 68 16.19 -13.74 13.40
N LEU B 69 15.15 -13.04 13.85
CA LEU B 69 15.36 -11.71 14.48
C LEU B 69 16.15 -11.87 15.81
N LEU B 70 15.83 -12.92 16.55
CA LEU B 70 16.26 -13.04 17.95
C LEU B 70 17.34 -14.06 18.24
N ALA B 71 17.56 -15.00 17.34
CA ALA B 71 18.22 -16.25 17.83
C ALA B 71 19.75 -16.22 18.12
N ASP B 72 20.46 -15.19 17.62
CA ASP B 72 21.95 -15.05 17.77
C ASP B 72 22.44 -13.89 18.70
N ALA B 73 21.53 -13.36 19.51
CA ALA B 73 21.84 -12.32 20.48
C ALA B 73 22.81 -12.80 21.57
N PRO B 74 23.83 -11.99 21.89
CA PRO B 74 24.83 -12.39 22.91
C PRO B 74 24.29 -12.46 24.36
N ILE B 75 23.08 -11.94 24.60
CA ILE B 75 22.56 -11.76 25.94
C ILE B 75 21.13 -12.24 25.98
N HIS B 76 20.82 -13.16 26.87
CA HIS B 76 19.42 -13.47 27.06
C HIS B 76 18.89 -13.27 28.51
N ASN B 77 17.72 -13.81 28.76
CA ASN B 77 17.04 -13.66 30.04
C ASN B 77 16.74 -12.19 30.28
N ILE B 78 16.22 -11.50 29.28
CA ILE B 78 15.87 -10.11 29.50
C ILE B 78 14.49 -9.83 28.95
N PRO B 79 13.85 -8.81 29.51
CA PRO B 79 12.49 -8.50 29.11
C PRO B 79 12.43 -7.91 27.70
N VAL B 80 11.35 -8.27 26.97
CA VAL B 80 11.18 -7.84 25.58
C VAL B 80 9.88 -7.03 25.42
N TYR B 81 9.99 -5.89 24.75
CA TYR B 81 8.85 -5.07 24.37
C TYR B 81 8.84 -5.07 22.87
N PHE B 82 7.76 -5.63 22.30
CA PHE B 82 7.65 -5.72 20.82
C PHE B 82 6.54 -4.77 20.38
N TYR B 83 6.90 -3.69 19.69
CA TYR B 83 5.94 -2.66 19.39
C TYR B 83 5.89 -2.44 17.90
N ALA B 84 4.72 -2.74 17.29
CA ALA B 84 4.55 -2.54 15.87
C ALA B 84 3.98 -1.19 15.55
N THR B 85 4.26 -0.73 14.34
CA THR B 85 3.93 0.65 13.97
C THR B 85 3.02 0.68 12.73
N ALA B 86 3.24 1.56 11.78
CA ALA B 86 2.23 1.79 10.72
C ALA B 86 1.96 0.59 9.83
N GLY B 87 2.94 -0.29 9.60
CA GLY B 87 2.57 -1.47 8.75
C GLY B 87 1.46 -2.27 9.41
N MET B 88 1.49 -2.46 10.71
CA MET B 88 0.43 -3.19 11.43
CA MET B 88 0.46 -3.21 11.38
C MET B 88 -0.86 -2.40 11.47
N ARG B 89 -0.73 -1.06 11.55
CA ARG B 89 -1.92 -0.15 11.57
CA ARG B 89 -1.94 -0.23 11.63
C ARG B 89 -2.76 -0.20 10.30
N LEU B 90 -2.13 -0.61 9.21
CA LEU B 90 -2.89 -0.78 7.96
C LEU B 90 -3.90 -1.92 8.04
N LEU B 91 -3.76 -2.82 9.01
CA LEU B 91 -4.62 -4.05 9.14
C LEU B 91 -5.71 -3.84 10.21
N PRO B 92 -6.91 -4.40 10.02
CA PRO B 92 -7.93 -4.38 11.05
C PRO B 92 -7.49 -5.23 12.26
N GLN B 93 -8.05 -4.90 13.44
CA GLN B 93 -7.70 -5.57 14.72
CA GLN B 93 -7.60 -5.56 14.65
C GLN B 93 -7.73 -7.07 14.57
N SER B 94 -8.76 -7.60 13.86
CA SER B 94 -8.90 -9.05 13.78
C SER B 94 -7.72 -9.76 13.02
N GLN B 95 -7.12 -9.07 12.04
CA GLN B 95 -5.94 -9.63 11.35
CA GLN B 95 -5.93 -9.61 11.35
C GLN B 95 -4.67 -9.45 12.20
N GLN B 96 -4.57 -8.30 12.85
CA GLN B 96 -3.47 -8.08 13.75
C GLN B 96 -3.48 -9.22 14.80
N LYS B 97 -4.67 -9.60 15.26
CA LYS B 97 -4.81 -10.61 16.32
C LYS B 97 -4.13 -11.92 15.91
N LYS B 98 -4.20 -12.28 14.64
CA LYS B 98 -3.55 -13.52 14.16
C LYS B 98 -2.05 -13.45 14.41
N TYR B 99 -1.47 -12.29 14.12
CA TYR B 99 -0.03 -12.14 14.32
C TYR B 99 0.33 -12.24 15.82
N TYR B 100 -0.39 -11.48 16.66
CA TYR B 100 0.00 -11.41 18.08
C TYR B 100 -0.28 -12.74 18.77
N ASP B 101 -1.34 -13.45 18.38
CA ASP B 101 -1.58 -14.75 19.03
C ASP B 101 -0.42 -15.70 18.70
N GLU B 102 0.05 -15.67 17.45
CA GLU B 102 1.16 -16.53 17.04
CA GLU B 102 1.14 -16.56 17.08
C GLU B 102 2.47 -16.11 17.72
N LEU B 103 2.71 -14.79 17.75
CA LEU B 103 3.89 -14.29 18.42
C LEU B 103 3.88 -14.69 19.91
N ASP B 104 2.75 -14.49 20.58
CA ASP B 104 2.69 -14.77 22.02
C ASP B 104 3.03 -16.24 22.26
N TYR B 105 2.47 -17.09 21.39
CA TYR B 105 2.73 -18.51 21.51
C TYR B 105 4.23 -18.85 21.33
N TRP B 106 4.85 -18.29 20.30
CA TRP B 106 6.28 -18.52 20.05
C TRP B 106 7.08 -18.15 21.32
N PHE B 107 6.78 -16.96 21.91
CA PHE B 107 7.53 -16.60 23.12
C PHE B 107 7.26 -17.57 24.28
N ARG B 108 6.00 -18.00 24.43
CA ARG B 108 5.65 -18.94 25.52
C ARG B 108 6.43 -20.29 25.34
N GLN B 109 6.75 -20.63 24.10
CA GLN B 109 7.44 -21.89 23.79
C GLN B 109 8.96 -21.88 23.99
N GLN B 110 9.53 -20.76 24.48
CA GLN B 110 10.98 -20.70 24.67
C GLN B 110 11.33 -20.06 26.01
N SER B 111 12.65 -20.01 26.30
CA SER B 111 13.11 -19.57 27.61
CA SER B 111 13.14 -19.67 27.61
C SER B 111 14.34 -18.67 27.61
N GLN B 112 14.69 -18.09 26.48
CA GLN B 112 15.84 -17.18 26.39
C GLN B 112 15.32 -15.73 26.66
N TRP B 113 14.05 -15.44 26.29
CA TRP B 113 13.49 -14.08 26.27
C TRP B 113 12.23 -14.07 27.12
N GLN B 114 12.00 -12.95 27.86
CA GLN B 114 10.78 -12.78 28.64
CA GLN B 114 10.81 -12.79 28.65
C GLN B 114 9.92 -11.73 28.01
N LEU B 115 8.87 -12.16 27.28
CA LEU B 115 8.03 -11.18 26.62
C LEU B 115 7.24 -10.46 27.67
N VAL B 116 7.29 -9.10 27.64
CA VAL B 116 6.50 -8.27 28.56
C VAL B 116 5.24 -7.71 27.83
N GLU B 117 5.44 -7.17 26.64
CA GLU B 117 4.36 -6.48 25.86
CA GLU B 117 4.31 -6.60 25.87
C GLU B 117 4.62 -6.81 24.40
N ALA B 118 3.56 -7.09 23.66
CA ALA B 118 3.61 -7.13 22.21
C ALA B 118 2.30 -6.58 21.68
N LYS B 119 2.36 -5.41 21.04
CA LYS B 119 1.18 -4.71 20.62
C LYS B 119 1.52 -3.65 19.61
N THR B 120 0.47 -3.19 18.93
CA THR B 120 0.58 -2.09 17.98
C THR B 120 0.43 -0.80 18.71
N ILE B 121 1.39 0.14 18.52
CA ILE B 121 1.25 1.44 19.20
C ILE B 121 0.61 2.43 18.18
N THR B 122 -0.06 3.50 18.65
CA THR B 122 -0.64 4.43 17.67
C THR B 122 0.47 5.32 17.07
N GLY B 123 0.18 6.00 15.95
CA GLY B 123 1.16 6.99 15.40
C GLY B 123 1.45 8.10 16.40
N ASN B 124 0.53 8.44 17.29
CA ASN B 124 0.78 9.49 18.29
C ASN B 124 1.78 9.01 19.34
N ASP B 125 1.62 7.77 19.83
CA ASP B 125 2.62 7.15 20.70
C ASP B 125 3.97 7.16 20.01
N GLU B 126 4.02 6.64 18.79
CA GLU B 126 5.26 6.57 18.01
C GLU B 126 5.94 7.96 17.89
N ALA B 127 5.14 8.99 17.60
CA ALA B 127 5.64 10.37 17.47
C ALA B 127 6.25 10.84 18.82
N LEU B 128 5.57 10.51 19.95
CA LEU B 128 6.15 10.88 21.26
C LEU B 128 7.51 10.18 21.39
N PHE B 129 7.55 8.87 21.09
CA PHE B 129 8.83 8.19 21.21
C PHE B 129 9.91 8.73 20.26
N ASP B 130 9.49 9.16 19.04
CA ASP B 130 10.40 9.73 18.07
C ASP B 130 11.07 10.96 18.74
N TRP B 131 10.26 11.83 19.35
CA TRP B 131 10.84 13.07 19.96
C TRP B 131 11.73 12.73 21.15
N LEU B 132 11.31 11.82 22.02
CA LEU B 132 12.15 11.43 23.15
C LEU B 132 13.44 10.86 22.66
N ALA B 133 13.43 9.95 21.67
CA ALA B 133 14.66 9.31 21.26
C ALA B 133 15.69 10.35 20.79
N VAL B 134 15.28 11.23 19.90
CA VAL B 134 16.19 12.23 19.34
C VAL B 134 16.69 13.16 20.45
N ASN B 135 15.76 13.66 21.28
CA ASN B 135 16.16 14.60 22.30
C ASN B 135 17.00 13.93 23.38
N TYR B 136 16.81 12.66 23.67
CA TYR B 136 17.71 11.96 24.56
C TYR B 136 19.14 12.02 23.96
N LYS B 137 19.29 11.67 22.65
CA LYS B 137 20.61 11.67 22.04
C LYS B 137 21.25 13.09 21.97
N LEU B 138 20.40 14.13 21.83
CA LEU B 138 20.91 15.53 21.87
C LEU B 138 21.13 16.07 23.30
N ASP B 139 20.78 15.28 24.33
CA ASP B 139 20.88 15.65 25.78
CA ASP B 139 21.01 15.67 25.74
C ASP B 139 20.16 16.94 26.05
N THR B 140 18.95 17.01 25.54
CA THR B 140 18.10 18.18 25.75
C THR B 140 16.96 17.89 26.73
N LEU B 141 16.99 16.72 27.38
CA LEU B 141 15.90 16.30 28.25
C LEU B 141 16.09 16.66 29.73
N LYS B 142 17.34 16.69 30.19
CA LYS B 142 17.65 16.88 31.62
C LYS B 142 17.39 18.31 32.11
N SER B 143 17.57 19.27 31.19
CA SER B 143 17.45 20.70 31.55
C SER B 143 16.44 21.43 30.65
N VAL B 144 15.85 22.51 31.14
CA VAL B 144 14.92 23.31 30.33
C VAL B 144 15.67 24.01 29.18
N GLN B 145 15.20 23.74 27.96
CA GLN B 145 15.85 24.23 26.74
C GLN B 145 15.33 25.59 26.41
N ASN B 146 16.16 26.42 25.78
CA ASN B 146 15.71 27.75 25.38
C ASN B 146 15.49 27.79 23.87
N LYS B 147 15.42 26.61 23.24
CA LYS B 147 15.18 26.49 21.81
C LYS B 147 14.14 25.38 21.65
N SER B 148 13.32 25.46 20.60
CA SER B 148 12.32 24.46 20.25
C SER B 148 12.97 23.47 19.28
N VAL B 149 12.97 22.22 19.67
CA VAL B 149 13.42 21.12 18.78
C VAL B 149 12.23 20.36 18.21
N GLY B 150 12.16 20.35 16.91
CA GLY B 150 11.11 19.54 16.21
C GLY B 150 11.75 18.27 15.67
N VAL B 151 10.92 17.21 15.64
CA VAL B 151 11.39 15.94 15.06
C VAL B 151 10.42 15.41 13.99
N MET B 152 11.03 14.91 12.92
CA MET B 152 10.27 14.23 11.90
C MET B 152 10.82 12.81 11.74
N ASP B 153 9.89 11.84 11.62
CA ASP B 153 10.30 10.46 11.37
C ASP B 153 9.69 10.10 10.04
N MET B 154 10.58 9.84 9.05
CA MET B 154 10.19 9.58 7.65
C MET B 154 10.12 8.04 7.50
N GLY B 155 8.98 7.45 7.87
CA GLY B 155 8.87 5.99 7.86
C GLY B 155 8.34 5.48 6.51
N GLY B 156 8.22 4.17 6.47
CA GLY B 156 7.73 3.54 5.23
C GLY B 156 6.23 3.54 5.01
N ALA B 157 5.45 3.61 6.08
CA ALA B 157 3.98 3.61 5.95
C ALA B 157 3.32 4.84 6.54
N SER B 158 3.91 5.39 7.61
CA SER B 158 3.45 6.70 8.10
C SER B 158 4.67 7.63 8.26
N VAL B 159 4.35 8.94 8.35
CA VAL B 159 5.39 9.92 8.79
C VAL B 159 4.87 10.58 10.03
N GLN B 160 5.80 10.85 10.97
CA GLN B 160 5.44 11.57 12.21
C GLN B 160 6.09 12.96 12.21
N ILE B 161 5.35 13.87 12.84
CA ILE B 161 5.95 15.24 13.16
C ILE B 161 5.56 15.44 14.60
N VAL B 162 6.53 16.07 15.32
CA VAL B 162 6.31 16.34 16.77
C VAL B 162 7.18 17.56 17.17
N PHE B 163 6.55 18.44 17.93
CA PHE B 163 7.28 19.69 18.31
C PHE B 163 6.59 20.26 19.50
N PRO B 164 7.37 21.08 20.25
CA PRO B 164 6.73 21.66 21.47
C PRO B 164 5.52 22.56 21.17
N MET B 165 4.49 22.43 21.99
CA MET B 165 3.30 23.23 21.88
C MET B 165 2.58 23.27 23.22
N PRO B 166 2.31 24.50 23.78
CA PRO B 166 1.53 24.57 25.01
C PRO B 166 0.18 23.87 24.85
N LYS B 167 -0.29 23.28 25.94
CA LYS B 167 -1.57 22.59 25.97
C LYS B 167 -2.66 23.56 25.50
N ASN B 168 -3.56 23.06 24.64
CA ASN B 168 -4.46 23.85 23.81
C ASN B 168 -5.83 23.17 23.73
N ALA B 169 -6.81 23.77 24.43
CA ALA B 169 -8.21 23.29 24.49
C ALA B 169 -8.90 23.08 23.15
N GLU B 170 -8.32 23.61 22.08
CA GLU B 170 -8.97 23.55 20.77
C GLU B 170 -8.43 22.41 19.88
N ILE B 171 -7.34 21.74 20.29
CA ILE B 171 -6.74 20.66 19.47
C ILE B 171 -7.10 19.29 20.09
N SER B 172 -7.37 18.26 19.28
CA SER B 172 -7.67 16.92 19.83
C SER B 172 -6.66 16.51 20.92
N LYS B 173 -7.18 15.86 21.97
CA LYS B 173 -6.34 15.38 23.03
C LYS B 173 -5.36 14.33 22.47
N HIS B 174 -5.76 13.56 21.43
CA HIS B 174 -4.87 12.58 20.91
C HIS B 174 -3.62 13.21 20.28
N ASN B 175 -3.70 14.49 19.88
CA ASN B 175 -2.52 15.14 19.23
C ASN B 175 -1.72 16.01 20.21
N GLN B 176 -1.96 15.84 21.48
CA GLN B 176 -1.17 16.57 22.46
C GLN B 176 -0.72 15.65 23.56
N VAL B 177 0.52 15.80 24.00
CA VAL B 177 1.09 14.96 25.05
CA VAL B 177 1.01 14.96 25.08
C VAL B 177 1.75 15.82 26.10
N GLU B 178 1.41 15.59 27.35
CA GLU B 178 2.09 16.29 28.43
C GLU B 178 3.09 15.30 28.98
N LEU B 179 4.35 15.62 28.82
CA LEU B 179 5.40 14.68 29.17
C LEU B 179 6.14 15.20 30.41
N ASN B 180 6.19 14.36 31.44
CA ASN B 180 7.00 14.64 32.62
CA ASN B 180 7.06 14.65 32.59
C ASN B 180 8.28 13.77 32.67
N ILE B 181 9.44 14.42 32.51
CA ILE B 181 10.69 13.70 32.50
C ILE B 181 11.86 14.49 33.07
N TYR B 182 12.67 13.79 33.86
CA TYR B 182 13.78 14.42 34.60
C TYR B 182 13.36 15.68 35.37
N GLY B 183 12.16 15.64 35.93
CA GLY B 183 11.61 16.78 36.65
C GLY B 183 11.12 17.96 35.84
N GLN B 184 11.08 17.84 34.52
CA GLN B 184 10.58 18.94 33.74
C GLN B 184 9.32 18.49 32.97
N ASN B 185 8.45 19.46 32.80
CA ASN B 185 7.15 19.25 32.21
C ASN B 185 7.22 19.76 30.77
N ILE B 186 6.93 18.87 29.83
CA ILE B 186 7.10 19.16 28.42
C ILE B 186 5.79 18.91 27.73
N ASN B 187 5.29 19.93 27.03
CA ASN B 187 4.05 19.73 26.25
C ASN B 187 4.36 19.72 24.77
N LEU B 188 3.90 18.66 24.11
CA LEU B 188 4.19 18.40 22.71
C LEU B 188 2.93 18.29 21.88
N TYR B 189 3.02 18.78 20.65
CA TYR B 189 2.03 18.43 19.61
C TYR B 189 2.62 17.21 18.89
N VAL B 190 1.75 16.25 18.65
CA VAL B 190 2.14 15.01 17.87
C VAL B 190 1.13 14.72 16.76
N HIS B 191 1.67 14.29 15.61
CA HIS B 191 0.76 13.84 14.54
C HIS B 191 1.51 12.82 13.73
N SER B 192 0.73 11.80 13.32
CA SER B 192 1.25 10.81 12.39
C SER B 192 0.28 10.80 11.20
N PHE B 193 0.84 10.63 9.99
CA PHE B 193 0.03 10.63 8.76
C PHE B 193 0.13 9.26 8.10
N LEU B 194 -0.88 8.43 8.35
CA LEU B 194 -0.90 7.07 7.82
C LEU B 194 -1.17 7.05 6.32
N GLY B 195 -0.31 6.34 5.58
CA GLY B 195 -0.42 6.29 4.07
C GLY B 195 0.59 7.22 3.41
N LEU B 196 1.18 8.15 4.23
CA LEU B 196 2.13 9.12 3.68
C LEU B 196 3.61 8.67 3.87
N GLY B 197 3.85 7.51 4.48
CA GLY B 197 5.20 6.90 4.46
C GLY B 197 5.67 6.61 3.03
N GLN B 198 6.97 6.41 2.85
CA GLN B 198 7.49 6.38 1.52
CA GLN B 198 7.58 6.27 1.55
C GLN B 198 6.90 5.19 0.67
N THR B 199 6.71 4.00 1.24
CA THR B 199 6.19 2.86 0.41
C THR B 199 4.80 3.13 0.00
N GLU B 200 3.96 3.48 0.98
CA GLU B 200 2.51 3.69 0.70
C GLU B 200 2.30 4.86 -0.27
N MET B 201 2.98 5.99 -0.07
CA MET B 201 2.92 7.17 -0.95
CA MET B 201 2.75 7.11 -0.95
C MET B 201 3.28 6.76 -2.35
N SER B 202 4.38 5.99 -2.47
CA SER B 202 4.95 5.75 -3.79
CA SER B 202 4.95 5.73 -3.79
C SER B 202 3.95 4.98 -4.67
N HIS B 203 3.09 4.21 -4.01
CA HIS B 203 2.13 3.38 -4.79
C HIS B 203 1.10 4.20 -5.55
N GLN B 204 1.07 5.54 -5.30
CA GLN B 204 0.14 6.44 -6.00
C GLN B 204 0.82 7.11 -7.21
N PHE B 205 2.14 6.91 -7.41
CA PHE B 205 2.94 7.68 -8.41
C PHE B 205 3.82 6.84 -9.33
N LEU B 206 3.63 5.51 -9.33
CA LEU B 206 4.56 4.70 -10.08
C LEU B 206 4.46 4.86 -11.61
N ASN B 207 3.29 5.35 -12.06
CA ASN B 207 3.15 5.69 -13.49
C ASN B 207 3.24 7.15 -13.79
N SER B 208 3.89 7.92 -12.90
CA SER B 208 4.09 9.34 -13.19
C SER B 208 5.46 9.60 -13.84
N PRO B 209 5.51 9.95 -15.15
CA PRO B 209 6.81 10.09 -15.79
C PRO B 209 7.69 11.15 -15.11
N SER B 210 7.06 12.17 -14.52
CA SER B 210 7.83 13.23 -13.89
CA SER B 210 7.86 13.23 -13.90
C SER B 210 8.66 12.73 -12.70
N CYS B 211 8.31 11.56 -12.15
CA CYS B 211 8.89 11.09 -10.89
C CYS B 211 9.99 10.07 -11.08
N PHE B 212 10.38 9.83 -12.34
CA PHE B 212 11.43 8.89 -12.62
C PHE B 212 12.41 9.40 -13.64
N ALA B 213 13.63 8.84 -13.63
CA ALA B 213 14.65 9.27 -14.61
C ALA B 213 14.16 9.06 -16.07
N ASN B 214 14.74 9.83 -16.97
CA ASN B 214 14.38 9.73 -18.39
C ASN B 214 14.54 8.30 -18.85
N ASP B 215 13.48 7.78 -19.48
CA ASP B 215 13.51 6.42 -20.08
C ASP B 215 13.39 5.29 -19.07
N TYR B 216 13.21 5.62 -17.78
CA TYR B 216 12.93 4.56 -16.80
C TYR B 216 11.65 3.82 -17.31
N PRO B 217 11.63 2.48 -17.25
CA PRO B 217 10.41 1.77 -17.71
C PRO B 217 9.32 1.79 -16.62
N LEU B 218 8.28 2.63 -16.79
CA LEU B 218 7.21 2.66 -15.86
C LEU B 218 6.36 1.37 -16.02
N PRO B 219 5.65 0.93 -14.95
CA PRO B 219 4.98 -0.38 -15.08
C PRO B 219 3.95 -0.40 -16.19
N ASP B 220 3.31 0.73 -16.51
CA ASP B 220 2.26 0.86 -17.59
CA ASP B 220 2.34 0.46 -17.57
C ASP B 220 2.81 0.81 -19.00
N GLY B 221 4.14 0.79 -19.14
CA GLY B 221 4.74 0.78 -20.45
C GLY B 221 5.18 2.12 -20.98
N GLU B 222 4.83 3.17 -20.28
CA GLU B 222 5.37 4.48 -20.65
C GLU B 222 6.82 4.68 -20.10
N SER B 223 7.46 5.74 -20.57
CA SER B 223 8.83 6.10 -20.15
C SER B 223 8.91 7.22 -19.12
N GLY B 224 9.85 7.09 -18.21
CA GLY B 224 10.16 8.23 -17.31
C GLY B 224 10.52 9.47 -18.13
N GLN B 225 10.21 10.63 -17.53
CA GLN B 225 10.63 11.91 -18.09
C GLN B 225 10.75 12.83 -16.91
N GLY B 226 11.81 12.62 -16.15
CA GLY B 226 11.85 13.20 -14.78
C GLY B 226 11.93 14.72 -14.67
N ASN B 227 11.23 15.30 -13.71
CA ASN B 227 11.35 16.75 -13.43
C ASN B 227 10.93 16.86 -11.96
N ALA B 228 11.88 17.12 -11.07
CA ALA B 228 11.54 17.06 -9.64
C ALA B 228 10.46 18.07 -9.25
N PRO B 229 10.54 19.35 -9.71
CA PRO B 229 9.43 20.27 -9.31
C PRO B 229 8.06 19.78 -9.79
N SER B 230 7.99 19.08 -10.95
CA SER B 230 6.70 18.59 -11.40
C SER B 230 6.24 17.36 -10.55
N CYS B 231 7.19 16.48 -10.23
CA CYS B 231 6.91 15.32 -9.36
C CYS B 231 6.42 15.86 -8.01
N LYS B 232 7.15 16.85 -7.47
CA LYS B 232 6.79 17.43 -6.16
C LYS B 232 5.35 17.96 -6.15
N GLU B 233 4.98 18.67 -7.25
CA GLU B 233 3.59 19.15 -7.36
CA GLU B 233 3.60 19.16 -7.42
C GLU B 233 2.57 18.00 -7.32
N GLU B 234 2.87 16.86 -8.00
CA GLU B 234 1.92 15.74 -7.88
C GLU B 234 1.85 15.23 -6.43
N VAL B 235 3.00 15.06 -5.78
CA VAL B 235 2.98 14.55 -4.41
C VAL B 235 2.23 15.53 -3.51
N THR B 236 2.45 16.82 -3.74
CA THR B 236 1.75 17.82 -2.91
C THR B 236 0.23 17.69 -2.97
N SER B 237 -0.30 17.25 -4.13
CA SER B 237 -1.76 16.99 -4.24
CA SER B 237 -1.76 16.99 -4.23
C SER B 237 -2.20 15.93 -3.22
N LEU B 238 -1.40 14.87 -3.06
CA LEU B 238 -1.73 13.87 -2.07
C LEU B 238 -1.56 14.41 -0.65
N MET B 239 -0.51 15.23 -0.43
CA MET B 239 -0.26 15.82 0.92
CA MET B 239 -0.34 15.73 0.94
C MET B 239 -1.45 16.70 1.33
N ASN B 240 -1.84 17.57 0.38
CA ASN B 240 -2.75 18.68 0.73
C ASN B 240 -4.18 18.61 0.25
N SER B 241 -4.38 18.16 -0.99
CA SER B 241 -5.74 18.00 -1.45
C SER B 241 -6.43 16.77 -0.81
N VAL B 242 -5.65 15.73 -0.54
CA VAL B 242 -6.20 14.52 0.09
C VAL B 242 -6.02 14.67 1.66
N HIS B 243 -4.77 14.65 2.14
CA HIS B 243 -4.56 14.58 3.59
C HIS B 243 -4.65 15.91 4.36
N LYS B 244 -4.73 17.01 3.65
CA LYS B 244 -4.76 18.36 4.23
CA LYS B 244 -4.83 18.33 4.31
C LYS B 244 -3.67 18.55 5.30
N VAL B 245 -2.48 18.07 5.00
CA VAL B 245 -1.33 18.28 5.87
C VAL B 245 -1.15 19.80 6.14
N ASN B 246 -1.13 20.62 5.08
CA ASN B 246 -0.85 22.05 5.27
C ASN B 246 -1.85 22.66 6.23
N GLN B 247 -3.14 22.42 6.05
CA GLN B 247 -4.14 23.09 6.90
C GLN B 247 -4.00 22.62 8.37
N GLN B 248 -3.57 21.37 8.61
CA GLN B 248 -3.44 20.85 9.97
C GLN B 248 -2.18 21.36 10.65
N ILE B 249 -1.07 21.38 9.92
CA ILE B 249 0.24 21.56 10.58
C ILE B 249 0.69 23.06 10.49
N GLN B 250 0.52 23.74 9.36
CA GLN B 250 1.09 25.06 9.21
C GLN B 250 0.62 26.09 10.24
N PRO B 251 -0.70 26.15 10.57
CA PRO B 251 -1.13 27.16 11.58
C PRO B 251 -0.46 26.92 12.92
N LEU B 252 -0.17 25.69 13.27
CA LEU B 252 0.47 25.32 14.54
C LEU B 252 1.95 25.69 14.58
N LEU B 253 2.69 25.40 13.48
CA LEU B 253 4.07 25.85 13.34
C LEU B 253 4.21 27.39 13.31
N ALA B 254 3.24 28.09 12.72
CA ALA B 254 3.26 29.56 12.73
C ALA B 254 3.23 30.10 14.19
N LEU B 255 2.41 29.48 15.04
CA LEU B 255 2.25 29.92 16.44
C LEU B 255 3.36 29.38 17.30
N ASN B 256 3.92 28.23 16.94
CA ASN B 256 4.90 27.51 17.82
C ASN B 256 6.17 27.19 17.02
N PRO B 257 6.92 28.23 16.61
CA PRO B 257 8.05 27.96 15.70
C PRO B 257 9.10 26.99 16.26
N VAL B 258 9.68 26.23 15.35
CA VAL B 258 10.72 25.27 15.68
C VAL B 258 12.08 25.88 15.30
N ASN B 259 12.97 25.91 16.27
CA ASN B 259 14.30 26.39 16.01
C ASN B 259 15.27 25.44 15.34
N GLU B 260 15.16 24.16 15.68
CA GLU B 260 16.09 23.14 15.14
C GLU B 260 15.21 21.94 14.73
N TRP B 261 15.34 21.57 13.48
CA TRP B 261 14.61 20.35 12.96
C TRP B 261 15.58 19.19 12.86
N TYR B 262 15.14 18.04 13.38
CA TYR B 262 15.88 16.76 13.25
C TYR B 262 14.97 15.73 12.58
N SER B 263 15.54 14.97 11.65
CA SER B 263 14.79 13.93 10.94
CA SER B 263 14.77 13.91 11.02
C SER B 263 15.49 12.58 11.17
N ILE B 264 14.67 11.51 11.20
CA ILE B 264 15.12 10.15 11.24
C ILE B 264 14.29 9.41 10.19
N GLY B 265 14.63 8.14 9.98
CA GLY B 265 13.93 7.32 8.96
C GLY B 265 14.64 7.41 7.62
N GLY B 266 13.90 7.17 6.55
CA GLY B 266 14.55 6.95 5.25
C GLY B 266 15.41 8.09 4.70
N ILE B 267 15.06 9.31 5.12
CA ILE B 267 15.74 10.48 4.56
C ILE B 267 17.25 10.44 4.94
N SER B 268 17.59 9.86 6.10
CA SER B 268 19.01 9.73 6.47
C SER B 268 19.76 8.84 5.50
N ASN B 269 19.08 7.76 5.03
CA ASN B 269 19.72 6.89 4.10
C ASN B 269 19.87 7.52 2.72
N LEU B 270 18.83 8.24 2.26
CA LEU B 270 18.92 8.91 0.96
C LEU B 270 20.02 9.96 1.02
N ALA B 271 20.04 10.73 2.12
CA ALA B 271 20.95 11.88 2.13
C ALA B 271 22.42 11.44 2.27
N SER B 272 22.64 10.20 2.75
CA SER B 272 23.96 9.58 2.97
CA SER B 272 24.03 9.72 2.91
C SER B 272 24.44 8.69 1.84
N SER B 273 23.56 8.51 0.84
CA SER B 273 23.87 7.69 -0.32
C SER B 273 24.96 8.22 -1.21
N GLN B 274 25.42 7.43 -2.18
CA GLN B 274 26.43 7.92 -3.08
C GLN B 274 25.89 8.97 -4.04
N LEU B 275 24.55 9.07 -4.19
CA LEU B 275 23.99 9.94 -5.22
C LEU B 275 23.80 11.40 -4.74
N PHE B 276 23.70 11.58 -3.43
CA PHE B 276 23.47 12.90 -2.82
C PHE B 276 24.70 13.33 -2.04
N HIS B 277 24.88 14.64 -1.92
CA HIS B 277 26.11 15.18 -1.29
C HIS B 277 25.68 16.25 -0.31
N PHE B 278 25.82 15.94 0.97
CA PHE B 278 25.56 16.86 2.09
C PHE B 278 26.67 16.79 3.12
N GLU B 279 26.96 17.95 3.73
CA GLU B 279 27.98 18.03 4.77
C GLU B 279 27.28 18.11 6.12
N ASN B 280 27.99 17.68 7.18
CA ASN B 280 27.56 17.97 8.55
C ASN B 280 26.24 17.29 8.90
N SER B 281 25.94 16.18 8.18
CA SER B 281 24.72 15.42 8.40
CA SER B 281 24.73 15.42 8.40
C SER B 281 23.49 16.34 8.44
N GLU B 282 23.43 17.27 7.51
CA GLU B 282 22.26 18.12 7.42
C GLU B 282 22.04 18.55 5.99
N LEU B 283 20.79 18.91 5.71
CA LEU B 283 20.41 19.28 4.37
C LEU B 283 19.49 20.51 4.38
N THR B 284 19.21 21.07 3.18
CA THR B 284 18.06 21.96 3.07
C THR B 284 17.13 21.35 2.02
N ASN B 285 15.84 21.71 2.11
CA ASN B 285 14.92 21.19 1.08
C ASN B 285 15.26 21.74 -0.30
N GLN B 286 15.67 23.00 -0.39
CA GLN B 286 16.10 23.57 -1.64
C GLN B 286 17.19 22.71 -2.31
N SER B 287 18.22 22.36 -1.55
CA SER B 287 19.36 21.59 -2.12
C SER B 287 18.92 20.13 -2.43
N LEU B 288 18.10 19.53 -1.54
CA LEU B 288 17.60 18.17 -1.75
C LEU B 288 16.85 18.12 -3.09
N LEU B 289 15.97 19.07 -3.36
CA LEU B 289 15.15 19.04 -4.59
C LEU B 289 16.06 19.25 -5.81
N GLN B 290 16.96 20.24 -5.77
CA GLN B 290 17.94 20.54 -6.83
CA GLN B 290 17.83 20.47 -6.92
C GLN B 290 18.72 19.25 -7.19
N GLN B 291 19.25 18.63 -6.13
CA GLN B 291 20.12 17.46 -6.32
C GLN B 291 19.29 16.29 -6.92
N GLY B 292 18.09 16.07 -6.43
CA GLY B 292 17.27 14.99 -7.06
C GLY B 292 16.95 15.31 -8.51
N ASP B 293 16.63 16.57 -8.76
CA ASP B 293 16.28 17.00 -10.09
C ASP B 293 17.43 16.76 -11.07
N ASN B 294 18.63 17.19 -10.71
CA ASN B 294 19.69 17.17 -11.70
C ASN B 294 20.53 15.91 -11.67
N GLN B 295 20.64 15.27 -10.50
CA GLN B 295 21.46 14.07 -10.30
CA GLN B 295 21.50 14.09 -10.47
C GLN B 295 20.67 12.79 -10.73
N ILE B 296 19.32 12.86 -10.73
CA ILE B 296 18.49 11.66 -10.99
C ILE B 296 17.42 11.97 -12.04
N CYS B 297 16.53 12.91 -11.75
CA CYS B 297 15.32 13.08 -12.64
C CYS B 297 15.67 13.30 -14.10
N HIS B 298 16.64 14.19 -14.33
CA HIS B 298 17.02 14.56 -15.70
C HIS B 298 18.13 13.73 -16.33
N GLN B 299 18.46 12.62 -15.68
CA GLN B 299 19.46 11.74 -16.20
C GLN B 299 18.81 10.64 -17.05
N GLN B 300 19.64 9.99 -17.88
CA GLN B 300 19.15 8.87 -18.67
CA GLN B 300 19.17 8.85 -18.69
C GLN B 300 19.24 7.60 -17.81
N TRP B 301 18.11 6.93 -17.63
CA TRP B 301 18.01 5.84 -16.67
C TRP B 301 19.09 4.76 -16.82
N ASP B 302 19.20 4.18 -18.04
CA ASP B 302 20.14 3.04 -18.18
CA ASP B 302 20.17 3.09 -18.27
C ASP B 302 21.61 3.50 -17.94
N ILE B 303 21.93 4.73 -18.32
CA ILE B 303 23.28 5.21 -18.10
C ILE B 303 23.52 5.35 -16.55
N LEU B 304 22.57 5.99 -15.87
CA LEU B 304 22.69 6.26 -14.44
C LEU B 304 22.70 4.96 -13.67
N ASN B 305 21.80 4.04 -14.05
CA ASN B 305 21.75 2.75 -13.36
C ASN B 305 23.09 2.00 -13.53
N GLY B 306 23.70 2.09 -14.72
CA GLY B 306 24.97 1.40 -14.98
C GLY B 306 26.09 2.05 -14.13
N GLN B 307 26.02 3.37 -13.94
CA GLN B 307 27.05 4.11 -13.14
C GLN B 307 26.97 3.76 -11.63
N TYR B 308 25.75 3.56 -11.12
CA TYR B 308 25.52 3.31 -9.70
C TYR B 308 24.78 2.00 -9.44
N PRO B 309 25.46 0.87 -9.63
CA PRO B 309 24.78 -0.44 -9.68
C PRO B 309 24.39 -0.96 -8.32
N ASP B 310 24.92 -0.34 -7.26
CA ASP B 310 24.78 -1.05 -6.01
C ASP B 310 23.76 -0.46 -5.04
N ASP B 311 22.84 0.34 -5.56
CA ASP B 311 21.91 1.04 -4.70
C ASP B 311 20.47 0.71 -5.13
N GLU B 312 19.81 -0.13 -4.32
CA GLU B 312 18.47 -0.59 -4.64
CA GLU B 312 18.46 -0.64 -4.59
C GLU B 312 17.43 0.49 -4.59
N TYR B 313 17.74 1.65 -4.01
CA TYR B 313 16.80 2.77 -3.94
C TYR B 313 16.99 3.77 -5.10
N LEU B 314 18.00 3.54 -5.94
CA LEU B 314 18.42 4.51 -6.96
C LEU B 314 17.20 4.84 -7.84
N TYR B 315 16.42 3.85 -8.23
CA TYR B 315 15.33 4.15 -9.13
C TYR B 315 14.27 5.06 -8.58
N GLN B 316 14.19 5.11 -7.25
CA GLN B 316 13.23 5.94 -6.51
C GLN B 316 13.71 7.33 -6.15
N TYR B 317 14.98 7.66 -6.43
CA TYR B 317 15.49 8.93 -5.82
C TYR B 317 14.86 10.20 -6.41
N CYS B 318 14.40 10.20 -7.65
CA CYS B 318 13.72 11.33 -8.18
C CYS B 318 12.38 11.54 -7.44
N LEU B 319 11.65 10.43 -7.22
CA LEU B 319 10.38 10.49 -6.55
C LEU B 319 10.64 10.85 -5.08
N LEU B 320 11.65 10.24 -4.43
CA LEU B 320 11.75 10.46 -2.96
C LEU B 320 12.23 11.85 -2.64
N SER B 321 13.23 12.36 -3.37
CA SER B 321 13.63 13.74 -3.10
C SER B 321 12.48 14.72 -3.28
N SER B 322 11.69 14.51 -4.37
CA SER B 322 10.52 15.33 -4.64
C SER B 322 9.50 15.21 -3.52
N TYR B 323 9.29 13.98 -3.05
CA TYR B 323 8.32 13.72 -1.99
C TYR B 323 8.71 14.34 -0.63
N TYR B 324 9.98 14.24 -0.29
CA TYR B 324 10.45 14.87 0.99
C TYR B 324 10.21 16.36 0.95
N TYR B 325 10.44 16.98 -0.22
CA TYR B 325 10.25 18.42 -0.35
C TYR B 325 8.76 18.72 -0.26
N ALA B 326 7.94 17.95 -0.98
CA ALA B 326 6.49 18.18 -0.88
C ALA B 326 5.96 18.09 0.54
N LEU B 327 6.40 17.05 1.25
CA LEU B 327 5.99 16.88 2.64
C LEU B 327 6.47 18.05 3.54
N MET B 328 7.77 18.36 3.49
CA MET B 328 8.32 19.34 4.46
C MET B 328 7.95 20.77 4.08
N VAL B 329 8.09 21.10 2.81
CA VAL B 329 7.86 22.49 2.36
C VAL B 329 6.36 22.73 2.14
N ASP B 330 5.75 21.94 1.24
CA ASP B 330 4.36 22.26 0.95
C ASP B 330 3.38 21.74 2.01
N GLY B 331 3.74 20.65 2.70
CA GLY B 331 2.86 20.12 3.74
C GLY B 331 3.12 20.91 5.03
N TYR B 332 4.30 20.72 5.60
CA TYR B 332 4.57 21.31 6.95
C TYR B 332 4.83 22.82 6.88
N GLY B 333 5.12 23.37 5.70
CA GLY B 333 5.38 24.83 5.58
C GLY B 333 6.81 25.21 5.91
N ILE B 334 7.73 24.26 6.01
CA ILE B 334 9.13 24.57 6.39
C ILE B 334 9.76 25.34 5.21
N ASN B 335 10.50 26.40 5.50
CA ASN B 335 11.18 27.14 4.44
C ASN B 335 12.19 26.28 3.68
N PRO B 336 12.20 26.35 2.35
CA PRO B 336 13.24 25.62 1.57
C PRO B 336 14.67 25.84 1.97
N ASN B 337 15.01 26.98 2.57
CA ASN B 337 16.36 27.31 3.01
CA ASN B 337 16.42 27.13 2.91
C ASN B 337 16.70 26.84 4.41
N GLN B 338 15.73 26.33 5.17
CA GLN B 338 15.97 25.98 6.56
C GLN B 338 16.79 24.69 6.66
N THR B 339 17.81 24.65 7.50
CA THR B 339 18.56 23.41 7.75
C THR B 339 17.68 22.32 8.40
N ILE B 340 17.80 21.11 7.86
CA ILE B 340 17.16 19.91 8.44
C ILE B 340 18.33 18.96 8.79
N HIS B 341 18.55 18.72 10.07
CA HIS B 341 19.58 17.78 10.48
C HIS B 341 18.97 16.40 10.27
N TYR B 342 19.80 15.43 9.94
CA TYR B 342 19.36 14.03 9.92
C TYR B 342 20.35 13.23 10.68
N ILE B 343 19.87 12.22 11.38
CA ILE B 343 20.75 11.44 12.18
C ILE B 343 21.50 10.44 11.29
N PRO B 344 22.84 10.33 11.44
CA PRO B 344 23.58 9.37 10.60
C PRO B 344 22.99 7.95 10.70
N PRO B 345 22.82 7.25 9.56
CA PRO B 345 22.23 5.90 9.62
C PRO B 345 22.99 4.91 10.51
N GLU B 346 24.32 5.07 10.54
CA GLU B 346 25.21 4.16 11.29
C GLU B 346 24.79 4.11 12.75
N GLN B 347 24.09 5.15 13.24
CA GLN B 347 23.72 5.27 14.66
C GLN B 347 22.55 4.36 15.09
N ASN B 348 21.86 3.79 14.12
CA ASN B 348 20.73 2.90 14.42
C ASN B 348 19.72 3.55 15.35
N LEU B 349 19.51 4.86 15.20
CA LEU B 349 18.56 5.55 15.98
C LEU B 349 17.13 5.41 15.40
N ASP B 350 16.25 4.83 16.21
CA ASP B 350 14.81 4.86 15.92
C ASP B 350 14.12 5.30 17.21
N TRP B 351 12.81 5.24 17.25
CA TRP B 351 12.04 5.76 18.38
C TRP B 351 12.19 4.83 19.63
N THR B 352 12.84 3.65 19.52
CA THR B 352 12.81 2.74 20.66
C THR B 352 13.53 3.28 21.92
N ILE B 353 14.49 4.20 21.79
CA ILE B 353 15.03 4.85 23.05
C ILE B 353 13.91 5.47 23.87
N GLY B 354 12.89 6.00 23.16
CA GLY B 354 11.74 6.58 23.85
C GLY B 354 11.04 5.57 24.75
N VAL B 355 10.94 4.27 24.34
CA VAL B 355 10.31 3.27 25.16
C VAL B 355 11.14 3.04 26.43
N VAL B 356 12.47 3.04 26.27
CA VAL B 356 13.32 2.90 27.48
C VAL B 356 12.96 3.96 28.55
N LEU B 357 12.82 5.21 28.09
CA LEU B 357 12.57 6.37 28.99
C LEU B 357 11.14 6.47 29.47
N HIS B 358 10.16 5.93 28.70
CA HIS B 358 8.75 6.26 28.96
C HIS B 358 7.91 5.08 28.59
N ARG B 359 7.49 4.32 29.57
CA ARG B 359 6.81 3.05 29.25
C ARG B 359 5.34 3.19 28.89
N ALA B 360 4.70 4.28 29.32
CA ALA B 360 3.25 4.46 29.04
C ALA B 360 2.91 4.71 27.55
N LEU B 361 1.70 4.30 27.19
CA LEU B 361 1.13 4.45 25.88
C LEU B 361 -0.24 5.09 26.05
N GLU B 362 -0.80 5.58 24.93
CA GLU B 362 -2.12 6.26 24.96
C GLU B 362 -3.19 5.52 25.76
#